data_6NYP
#
_entry.id   6NYP
#
_cell.length_a   66.990
_cell.length_b   77.200
_cell.length_c   101.720
_cell.angle_alpha   90.000
_cell.angle_beta   91.670
_cell.angle_gamma   90.000
#
_symmetry.space_group_name_H-M   'P 1 21 1'
#
loop_
_entity.id
_entity.type
_entity.pdbx_description
1 polymer 'B- and T-lymphocyte attenuator'
2 polymer UL144
3 non-polymer GLYCEROL
4 non-polymer 'SULFATE ION'
5 non-polymer 'SODIUM ION'
6 non-polymer 2-acetamido-2-deoxy-beta-D-glucopyranose
7 water water
#
loop_
_entity_poly.entity_id
_entity_poly.type
_entity_poly.pdbx_seq_one_letter_code
_entity_poly.pdbx_strand_id
1 'polypeptide(L)'
;KESCDVQLYIKRQSEHSILAGDPFELECPVKYCANRPHVTWCKLNGTTCVKLEDRQTSWKEEKNISFFILHFEPVLPNDN
GSYRCSANFQSNLIESHSTTLYVTDVK
;
A,B,C,D
2 'polypeptide(L)'
;EICKPEEVQLGDQCCPPCKQGYRVTGQCTQYTSTTCTLCPSGTYVSGLYQCTQCTECQDTEVTIRNCTSTQNTVCASKQY
TSFSVPGVQHHKQRQSHTAHVTVKQGKSGRHTHHHHHH
;
E,F,G,H
#
# COMPACT_ATOMS: atom_id res chain seq x y z
N CYS A 4 16.82 -6.19 23.04
CA CYS A 4 15.64 -6.57 22.21
C CYS A 4 15.55 -5.66 20.98
N ASP A 5 15.65 -6.24 19.78
CA ASP A 5 15.37 -5.56 18.48
C ASP A 5 13.87 -5.65 18.21
N VAL A 6 13.25 -4.57 17.71
CA VAL A 6 11.86 -4.60 17.16
C VAL A 6 11.87 -5.43 15.87
N GLN A 7 10.95 -6.38 15.74
CA GLN A 7 10.89 -7.30 14.57
C GLN A 7 9.46 -7.42 14.05
N LEU A 8 9.31 -7.48 12.72
CA LEU A 8 8.03 -7.76 12.02
C LEU A 8 8.13 -9.14 11.39
N TYR A 9 7.31 -10.09 11.83
CA TYR A 9 7.37 -11.51 11.40
C TYR A 9 6.36 -11.73 10.26
N ILE A 10 6.65 -11.16 9.09
CA ILE A 10 6.02 -11.53 7.79
C ILE A 10 7.07 -12.30 6.98
N LYS A 11 6.76 -13.53 6.56
CA LYS A 11 7.70 -14.40 5.81
C LYS A 11 7.81 -13.90 4.38
N ARG A 12 9.02 -13.85 3.84
CA ARG A 12 9.26 -13.57 2.41
C ARG A 12 8.36 -14.46 1.55
N GLN A 13 7.72 -13.87 0.54
CA GLN A 13 6.82 -14.52 -0.46
C GLN A 13 5.53 -15.01 0.22
N SER A 14 5.25 -14.53 1.43
CA SER A 14 3.95 -14.75 2.12
C SER A 14 2.80 -14.40 1.18
N GLU A 15 1.71 -15.17 1.17
CA GLU A 15 0.51 -14.87 0.33
C GLU A 15 -0.79 -15.35 1.01
N HIS A 16 -1.91 -14.77 0.61
CA HIS A 16 -3.29 -15.09 1.07
C HIS A 16 -4.23 -15.06 -0.14
N SER A 17 -5.11 -16.07 -0.26
CA SER A 17 -6.23 -16.11 -1.23
C SER A 17 -7.51 -15.75 -0.50
N ILE A 18 -8.21 -14.71 -0.97
CA ILE A 18 -9.38 -14.12 -0.27
C ILE A 18 -10.48 -13.84 -1.29
N LEU A 19 -11.73 -13.80 -0.83
CA LEU A 19 -12.94 -13.69 -1.67
C LEU A 19 -13.45 -12.24 -1.62
N ALA A 20 -13.57 -11.60 -2.78
CA ALA A 20 -14.21 -10.27 -2.93
C ALA A 20 -15.58 -10.31 -2.25
N GLY A 21 -15.87 -9.33 -1.39
CA GLY A 21 -17.18 -9.16 -0.72
C GLY A 21 -17.15 -9.64 0.72
N ASP A 22 -16.23 -10.56 1.03
CA ASP A 22 -15.97 -11.04 2.42
C ASP A 22 -15.04 -10.04 3.10
N PRO A 23 -15.22 -9.80 4.42
CA PRO A 23 -14.26 -9.00 5.19
C PRO A 23 -12.95 -9.78 5.35
N PHE A 24 -11.85 -9.10 5.62
CA PHE A 24 -10.50 -9.72 5.78
C PHE A 24 -9.64 -8.87 6.72
N GLU A 25 -8.75 -9.54 7.45
CA GLU A 25 -7.82 -8.94 8.43
C GLU A 25 -6.39 -9.33 8.04
N LEU A 26 -5.59 -8.37 7.57
CA LEU A 26 -4.17 -8.59 7.21
C LEU A 26 -3.32 -8.21 8.42
N GLU A 27 -2.54 -9.17 8.93
CA GLU A 27 -1.81 -9.06 10.22
C GLU A 27 -0.33 -8.79 9.97
N CYS A 28 0.20 -7.75 10.63
CA CYS A 28 1.64 -7.47 10.82
C CYS A 28 2.01 -7.92 12.24
N PRO A 29 2.65 -9.11 12.41
CA PRO A 29 3.02 -9.58 13.74
C PRO A 29 4.28 -8.84 14.21
N VAL A 30 4.17 -8.09 15.32
CA VAL A 30 5.20 -7.16 15.85
C VAL A 30 5.74 -7.73 17.17
N LYS A 31 7.06 -7.92 17.25
CA LYS A 31 7.79 -8.14 18.52
C LYS A 31 8.38 -6.80 18.95
N TYR A 32 7.98 -6.33 20.14
CA TYR A 32 8.50 -5.10 20.81
C TYR A 32 8.50 -5.38 22.32
N CYS A 33 9.40 -4.74 23.07
CA CYS A 33 9.76 -5.10 24.46
C CYS A 33 9.39 -3.99 25.46
N ALA A 34 9.21 -2.76 25.00
CA ALA A 34 9.05 -1.56 25.87
C ALA A 34 7.91 -0.70 25.34
N ASN A 35 8.21 0.46 24.73
CA ASN A 35 7.23 1.34 24.04
C ASN A 35 6.85 0.69 22.70
N ARG A 36 5.55 0.51 22.48
CA ARG A 36 4.98 -0.01 21.22
C ARG A 36 5.27 0.95 20.08
N PRO A 37 5.92 0.51 18.98
CA PRO A 37 6.26 1.41 17.88
C PRO A 37 5.01 1.87 17.09
N HIS A 38 5.14 2.95 16.34
CA HIS A 38 4.13 3.42 15.34
C HIS A 38 4.31 2.58 14.07
N VAL A 39 3.30 1.80 13.70
CA VAL A 39 3.36 0.90 12.52
C VAL A 39 2.35 1.42 11.48
N THR A 40 2.68 1.29 10.20
CA THR A 40 1.85 1.74 9.06
C THR A 40 1.91 0.66 7.97
N TRP A 41 0.81 0.45 7.26
CA TRP A 41 0.72 -0.43 6.06
C TRP A 41 0.97 0.41 4.81
N CYS A 42 1.47 -0.21 3.74
CA CYS A 42 1.59 0.39 2.39
C CYS A 42 1.45 -0.72 1.33
N LYS A 43 1.04 -0.35 0.12
CA LYS A 43 0.82 -1.29 -1.02
C LYS A 43 1.84 -0.98 -2.11
N LEU A 44 2.57 -1.99 -2.58
CA LEU A 44 3.59 -1.86 -3.66
C LEU A 44 2.88 -1.60 -4.98
N ASN A 45 3.31 -0.56 -5.70
CA ASN A 45 3.13 -0.37 -7.16
C ASN A 45 4.55 -0.34 -7.75
N GLY A 46 4.92 -1.32 -8.56
CA GLY A 46 6.31 -1.54 -8.99
C GLY A 46 7.21 -1.67 -7.77
N THR A 47 8.12 -0.71 -7.58
CA THR A 47 9.12 -0.68 -6.48
C THR A 47 8.90 0.58 -5.64
N THR A 48 7.64 0.89 -5.33
CA THR A 48 7.22 2.10 -4.57
C THR A 48 6.03 1.69 -3.67
N CYS A 49 6.15 1.92 -2.36
CA CYS A 49 5.16 1.50 -1.34
C CYS A 49 4.28 2.68 -0.97
N VAL A 50 3.12 2.82 -1.60
CA VAL A 50 2.13 3.90 -1.34
C VAL A 50 1.52 3.65 0.04
N LYS A 51 1.82 4.50 1.02
CA LYS A 51 1.24 4.44 2.39
C LYS A 51 -0.29 4.37 2.28
N LEU A 52 -0.94 3.68 3.23
CA LEU A 52 -2.42 3.52 3.28
C LEU A 52 -2.96 4.38 4.41
N GLU A 53 -3.33 5.62 4.07
CA GLU A 53 -3.60 6.71 5.04
C GLU A 53 -5.06 6.66 5.52
N ASP A 54 -6.03 6.47 4.62
CA ASP A 54 -7.49 6.62 4.90
C ASP A 54 -8.07 5.30 5.44
N ARG A 55 -7.22 4.30 5.76
CA ARG A 55 -7.63 2.89 5.99
C ARG A 55 -7.80 2.57 7.49
N GLN A 56 -8.74 1.69 7.81
CA GLN A 56 -9.06 1.26 9.20
C GLN A 56 -8.05 0.21 9.65
N THR A 57 -7.38 0.47 10.78
CA THR A 57 -6.34 -0.41 11.39
C THR A 57 -6.61 -0.56 12.89
N SER A 58 -6.17 -1.67 13.48
CA SER A 58 -6.34 -1.96 14.93
C SER A 58 -5.19 -2.84 15.43
N TRP A 59 -5.04 -2.90 16.76
CA TRP A 59 -4.04 -3.75 17.47
C TRP A 59 -4.76 -4.88 18.20
N LYS A 60 -4.22 -6.08 18.13
CA LYS A 60 -4.61 -7.22 18.99
C LYS A 60 -3.32 -7.74 19.65
N GLU A 61 -3.25 -7.61 20.96
CA GLU A 61 -2.02 -7.84 21.77
C GLU A 61 -2.10 -9.26 22.33
N GLU A 62 -0.99 -10.00 22.25
CA GLU A 62 -0.86 -11.37 22.80
C GLU A 62 0.37 -11.36 23.71
N LYS A 63 0.61 -12.44 24.46
CA LYS A 63 1.67 -12.53 25.51
C LYS A 63 3.02 -12.12 24.90
N ASN A 64 3.47 -12.83 23.86
CA ASN A 64 4.88 -12.76 23.37
C ASN A 64 4.94 -12.13 21.96
N ILE A 65 3.80 -11.78 21.37
CA ILE A 65 3.76 -11.03 20.08
C ILE A 65 2.47 -10.21 20.01
N SER A 66 2.46 -9.17 19.17
CA SER A 66 1.28 -8.29 18.96
C SER A 66 1.02 -8.18 17.45
N PHE A 67 -0.26 -8.10 17.08
CA PHE A 67 -0.71 -8.04 15.67
C PHE A 67 -1.27 -6.64 15.39
N PHE A 68 -0.69 -5.94 14.42
CA PHE A 68 -1.24 -4.69 13.83
C PHE A 68 -1.99 -5.09 12.56
N ILE A 69 -3.30 -4.87 12.56
CA ILE A 69 -4.22 -5.42 11.53
C ILE A 69 -4.62 -4.30 10.55
N LEU A 70 -4.55 -4.59 9.25
CA LEU A 70 -5.20 -3.79 8.19
C LEU A 70 -6.54 -4.45 7.87
N HIS A 71 -7.65 -3.76 8.13
CA HIS A 71 -9.04 -4.24 7.91
C HIS A 71 -9.47 -3.95 6.47
N PHE A 72 -9.99 -4.97 5.79
CA PHE A 72 -10.72 -4.86 4.50
C PHE A 72 -12.20 -5.07 4.77
N GLU A 73 -13.02 -4.02 4.64
CA GLU A 73 -14.46 -4.02 5.02
C GLU A 73 -15.31 -3.52 3.85
N PRO A 74 -15.59 -4.35 2.82
CA PRO A 74 -14.95 -5.65 2.64
C PRO A 74 -13.77 -5.60 1.65
N VAL A 75 -13.19 -6.77 1.36
CA VAL A 75 -12.19 -6.94 0.28
C VAL A 75 -12.89 -6.62 -1.04
N LEU A 76 -12.22 -5.87 -1.92
CA LEU A 76 -12.71 -5.55 -3.29
C LEU A 76 -11.66 -6.00 -4.28
N PRO A 77 -12.02 -6.28 -5.55
CA PRO A 77 -11.08 -6.82 -6.53
C PRO A 77 -9.78 -6.00 -6.66
N ASN A 78 -9.87 -4.68 -6.46
CA ASN A 78 -8.76 -3.70 -6.59
C ASN A 78 -7.77 -3.87 -5.43
N ASP A 79 -8.15 -4.58 -4.36
CA ASP A 79 -7.28 -4.86 -3.19
C ASP A 79 -6.22 -5.93 -3.52
N ASN A 80 -6.35 -6.61 -4.65
CA ASN A 80 -5.30 -7.52 -5.21
C ASN A 80 -3.96 -6.76 -5.22
N GLY A 81 -2.88 -7.40 -4.76
CA GLY A 81 -1.51 -6.83 -4.82
C GLY A 81 -0.68 -7.17 -3.59
N SER A 82 0.48 -6.52 -3.45
CA SER A 82 1.50 -6.78 -2.41
C SER A 82 1.50 -5.66 -1.36
N TYR A 83 1.57 -6.02 -0.08
CA TYR A 83 1.51 -5.08 1.07
C TYR A 83 2.75 -5.30 1.94
N ARG A 84 3.36 -4.21 2.39
CA ARG A 84 4.46 -4.16 3.38
C ARG A 84 3.94 -3.50 4.63
N CYS A 85 4.55 -3.78 5.77
CA CYS A 85 4.27 -3.10 7.06
C CYS A 85 5.59 -2.53 7.60
N SER A 86 5.54 -1.35 8.22
CA SER A 86 6.71 -0.57 8.69
C SER A 86 6.48 -0.11 10.13
N ALA A 87 7.52 -0.10 10.96
CA ALA A 87 7.48 0.35 12.37
C ALA A 87 8.52 1.45 12.60
N ASN A 88 8.12 2.51 13.31
CA ASN A 88 9.02 3.64 13.64
C ASN A 88 9.30 3.61 15.13
N PHE A 89 10.56 3.38 15.50
CA PHE A 89 10.94 3.44 16.93
C PHE A 89 12.10 4.44 16.97
N GLN A 90 11.91 5.59 17.60
CA GLN A 90 12.99 6.60 17.69
C GLN A 90 13.47 6.93 16.27
N SER A 91 14.76 6.78 16.03
CA SER A 91 15.37 7.06 14.71
C SER A 91 15.45 5.79 13.86
N ASN A 92 14.84 4.70 14.33
CA ASN A 92 14.89 3.39 13.63
C ASN A 92 13.61 3.16 12.83
N LEU A 93 13.75 2.49 11.69
CA LEU A 93 12.65 2.17 10.75
C LEU A 93 12.77 0.69 10.36
N ILE A 94 11.84 -0.15 10.85
CA ILE A 94 11.84 -1.61 10.61
C ILE A 94 10.88 -1.92 9.45
N GLU A 95 11.38 -2.61 8.41
CA GLU A 95 10.68 -2.83 7.11
C GLU A 95 10.40 -4.32 6.90
N SER A 96 9.13 -4.71 6.81
CA SER A 96 8.68 -6.12 6.65
C SER A 96 8.87 -6.57 5.20
N HIS A 97 8.99 -7.89 4.97
CA HIS A 97 8.73 -8.54 3.67
C HIS A 97 7.31 -8.19 3.22
N SER A 98 7.10 -8.12 1.90
CA SER A 98 5.76 -7.90 1.30
C SER A 98 4.97 -9.22 1.37
N THR A 99 3.68 -9.12 1.66
CA THR A 99 2.69 -10.23 1.62
C THR A 99 1.71 -9.95 0.48
N THR A 100 1.44 -10.93 -0.38
CA THR A 100 0.62 -10.79 -1.61
C THR A 100 -0.82 -11.26 -1.34
N LEU A 101 -1.80 -10.42 -1.65
CA LEU A 101 -3.25 -10.75 -1.65
C LEU A 101 -3.65 -11.14 -3.07
N TYR A 102 -4.29 -12.30 -3.23
CA TYR A 102 -4.96 -12.76 -4.48
C TYR A 102 -6.46 -12.79 -4.22
N VAL A 103 -7.23 -11.97 -4.95
CA VAL A 103 -8.70 -11.82 -4.78
C VAL A 103 -9.39 -12.61 -5.90
N THR A 104 -10.56 -13.19 -5.58
CA THR A 104 -11.43 -13.92 -6.55
C THR A 104 -12.88 -13.44 -6.35
N ASP A 105 -13.63 -13.41 -7.46
CA ASP A 105 -14.83 -12.55 -7.68
C ASP A 105 -15.72 -13.18 -8.76
N ASP B 5 -5.49 -1.04 -14.57
CA ASP B 5 -6.13 -0.27 -13.46
C ASP B 5 -6.30 1.19 -13.94
N VAL B 6 -7.40 1.45 -14.63
CA VAL B 6 -7.72 2.76 -15.27
C VAL B 6 -8.00 3.77 -14.15
N GLN B 7 -7.36 4.95 -14.20
CA GLN B 7 -7.49 5.99 -13.15
C GLN B 7 -7.68 7.37 -13.81
N LEU B 8 -8.53 8.20 -13.19
CA LEU B 8 -8.73 9.62 -13.57
C LEU B 8 -8.15 10.48 -12.45
N TYR B 9 -7.13 11.28 -12.77
CA TYR B 9 -6.37 12.10 -11.79
C TYR B 9 -6.94 13.51 -11.80
N ILE B 10 -8.18 13.68 -11.30
CA ILE B 10 -8.76 14.99 -10.89
C ILE B 10 -8.82 15.01 -9.37
N LYS B 11 -8.18 16.00 -8.73
CA LYS B 11 -8.11 16.09 -7.25
C LYS B 11 -9.46 16.56 -6.71
N ARG B 12 -9.94 15.95 -5.64
CA ARG B 12 -11.15 16.41 -4.90
C ARG B 12 -11.02 17.91 -4.61
N GLN B 13 -12.08 18.67 -4.85
CA GLN B 13 -12.22 20.14 -4.63
C GLN B 13 -11.31 20.92 -5.59
N SER B 14 -10.83 20.27 -6.65
CA SER B 14 -10.12 20.92 -7.78
C SER B 14 -10.96 22.11 -8.28
N GLU B 15 -10.35 23.25 -8.61
CA GLU B 15 -11.06 24.43 -9.18
C GLU B 15 -10.18 25.22 -10.17
N HIS B 16 -10.83 25.98 -11.05
CA HIS B 16 -10.21 26.88 -12.06
C HIS B 16 -10.99 28.20 -12.11
N SER B 17 -10.29 29.34 -12.12
CA SER B 17 -10.86 30.68 -12.38
C SER B 17 -10.55 31.06 -13.84
N ILE B 18 -11.58 31.36 -14.62
CA ILE B 18 -11.47 31.57 -16.08
C ILE B 18 -12.32 32.79 -16.47
N LEU B 19 -11.96 33.42 -17.59
CA LEU B 19 -12.54 34.71 -18.06
C LEU B 19 -13.53 34.41 -19.19
N ALA B 20 -14.78 34.84 -19.02
CA ALA B 20 -15.82 34.78 -20.07
C ALA B 20 -15.28 35.43 -21.33
N GLY B 21 -15.40 34.77 -22.48
CA GLY B 21 -15.01 35.28 -23.81
C GLY B 21 -13.68 34.71 -24.26
N ASP B 22 -12.83 34.29 -23.32
CA ASP B 22 -11.56 33.58 -23.60
C ASP B 22 -11.87 32.09 -23.83
N PRO B 23 -11.15 31.42 -24.75
CA PRO B 23 -11.27 29.97 -24.88
C PRO B 23 -10.62 29.29 -23.66
N PHE B 24 -11.00 28.04 -23.39
CA PHE B 24 -10.50 27.26 -22.21
C PHE B 24 -10.54 25.77 -22.52
N GLU B 25 -9.60 25.03 -21.93
CA GLU B 25 -9.42 23.57 -22.09
C GLU B 25 -9.47 22.91 -20.71
N LEU B 26 -10.53 22.17 -20.42
CA LEU B 26 -10.69 21.42 -19.14
C LEU B 26 -10.17 20.00 -19.36
N GLU B 27 -9.17 19.59 -18.59
CA GLU B 27 -8.42 18.32 -18.78
C GLU B 27 -8.89 17.26 -17.78
N CYS B 28 -9.21 16.07 -18.29
CA CYS B 28 -9.36 14.81 -17.54
C CYS B 28 -8.10 13.98 -17.75
N PRO B 29 -7.15 13.96 -16.81
CA PRO B 29 -5.93 13.16 -16.96
C PRO B 29 -6.24 11.68 -16.71
N VAL B 30 -6.02 10.84 -17.75
CA VAL B 30 -6.39 9.40 -17.78
C VAL B 30 -5.10 8.56 -17.77
N LYS B 31 -4.98 7.66 -16.80
CA LYS B 31 -3.99 6.56 -16.82
C LYS B 31 -4.69 5.30 -17.34
N TYR B 32 -4.24 4.75 -18.47
CA TYR B 32 -4.81 3.52 -19.08
C TYR B 32 -3.68 2.70 -19.67
N CYS B 33 -3.86 1.38 -19.67
CA CYS B 33 -2.98 0.33 -20.22
C CYS B 33 -3.72 -0.36 -21.37
N ALA B 34 -3.05 -0.61 -22.50
CA ALA B 34 -3.59 -1.25 -23.72
C ALA B 34 -4.71 -0.39 -24.34
N ASN B 35 -5.98 -0.79 -24.20
CA ASN B 35 -7.12 -0.19 -24.94
C ASN B 35 -7.56 1.09 -24.22
N ARG B 36 -7.54 2.23 -24.93
CA ARG B 36 -7.95 3.56 -24.41
C ARG B 36 -9.45 3.53 -24.14
N PRO B 37 -9.92 3.85 -22.91
CA PRO B 37 -11.35 3.80 -22.61
C PRO B 37 -12.12 4.93 -23.31
N HIS B 38 -13.45 4.77 -23.42
CA HIS B 38 -14.39 5.83 -23.86
C HIS B 38 -14.66 6.73 -22.66
N VAL B 39 -14.29 8.01 -22.76
CA VAL B 39 -14.44 8.98 -21.65
C VAL B 39 -15.47 10.04 -22.09
N THR B 40 -16.27 10.53 -21.14
CA THR B 40 -17.32 11.55 -21.37
C THR B 40 -17.29 12.54 -20.21
N TRP B 41 -17.54 13.81 -20.49
CA TRP B 41 -17.70 14.88 -19.47
C TRP B 41 -19.19 15.03 -19.12
N CYS B 42 -19.49 15.48 -17.91
CA CYS B 42 -20.87 15.84 -17.45
C CYS B 42 -20.79 16.98 -16.43
N LYS B 43 -21.86 17.75 -16.29
CA LYS B 43 -21.94 18.92 -15.38
C LYS B 43 -22.96 18.62 -14.27
N LEU B 44 -22.57 18.79 -13.02
CA LEU B 44 -23.42 18.54 -11.83
C LEU B 44 -24.49 19.62 -11.78
N ASN B 45 -25.76 19.23 -11.58
CA ASN B 45 -26.82 20.21 -11.20
C ASN B 45 -27.17 20.14 -9.69
N GLY B 46 -27.75 19.02 -9.26
CA GLY B 46 -28.00 18.78 -7.82
C GLY B 46 -27.01 17.75 -7.33
N THR B 47 -27.46 16.49 -7.27
CA THR B 47 -26.61 15.27 -7.23
C THR B 47 -26.88 14.45 -8.51
N THR B 48 -26.83 15.13 -9.66
CA THR B 48 -27.12 14.56 -10.99
C THR B 48 -26.16 15.18 -12.00
N CYS B 49 -25.40 14.32 -12.69
CA CYS B 49 -24.36 14.70 -13.67
C CYS B 49 -24.94 14.60 -15.08
N VAL B 50 -25.41 15.72 -15.62
CA VAL B 50 -25.99 15.78 -17.00
C VAL B 50 -24.82 15.62 -17.99
N LYS B 51 -24.79 14.51 -18.73
CA LYS B 51 -23.78 14.23 -19.79
C LYS B 51 -23.75 15.44 -20.75
N LEU B 52 -22.59 15.72 -21.35
CA LEU B 52 -22.42 16.77 -22.39
C LEU B 52 -22.33 16.12 -23.77
N GLU B 53 -23.49 15.95 -24.42
CA GLU B 53 -23.59 15.70 -25.89
C GLU B 53 -23.49 17.06 -26.60
N ASP B 54 -22.94 17.05 -27.81
CA ASP B 54 -22.88 18.24 -28.73
C ASP B 54 -21.68 19.13 -28.38
N ARG B 55 -20.85 18.70 -27.42
CA ARG B 55 -19.64 19.44 -26.96
C ARG B 55 -18.38 18.96 -27.70
N GLN B 56 -17.48 19.88 -27.99
CA GLN B 56 -16.16 19.66 -28.65
C GLN B 56 -15.18 19.07 -27.63
N THR B 57 -14.64 17.88 -27.89
CA THR B 57 -13.67 17.17 -27.02
C THR B 57 -12.51 16.66 -27.88
N SER B 58 -11.32 16.51 -27.29
CA SER B 58 -10.11 15.99 -27.97
C SER B 58 -9.20 15.27 -26.97
N TRP B 59 -8.26 14.50 -27.49
CA TRP B 59 -7.21 13.75 -26.74
C TRP B 59 -5.85 14.40 -26.99
N LYS B 60 -5.05 14.54 -25.95
CA LYS B 60 -3.61 14.88 -26.05
C LYS B 60 -2.86 13.81 -25.23
N GLU B 61 -2.04 13.01 -25.92
CA GLU B 61 -1.40 11.80 -25.35
C GLU B 61 0.02 12.17 -24.93
N GLU B 62 0.43 11.74 -23.74
CA GLU B 62 1.80 11.93 -23.21
C GLU B 62 2.33 10.54 -22.82
N LYS B 63 3.62 10.45 -22.47
CA LYS B 63 4.32 9.16 -22.22
C LYS B 63 3.53 8.33 -21.21
N ASN B 64 3.30 8.87 -20.00
CA ASN B 64 2.84 8.09 -18.82
C ASN B 64 1.42 8.51 -18.41
N ILE B 65 0.82 9.49 -19.09
CA ILE B 65 -0.60 9.89 -18.85
C ILE B 65 -1.16 10.49 -20.14
N SER B 66 -2.49 10.50 -20.28
CA SER B 66 -3.21 11.08 -21.43
C SER B 66 -4.31 12.01 -20.94
N PHE B 67 -4.55 13.10 -21.66
CA PHE B 67 -5.52 14.15 -21.29
C PHE B 67 -6.70 14.10 -22.26
N PHE B 68 -7.91 13.90 -21.74
CA PHE B 68 -9.18 14.07 -22.47
C PHE B 68 -9.71 15.46 -22.15
N ILE B 69 -9.80 16.32 -23.16
CA ILE B 69 -10.06 17.77 -22.99
C ILE B 69 -11.52 18.08 -23.37
N LEU B 70 -12.20 18.85 -22.51
CA LEU B 70 -13.47 19.53 -22.83
C LEU B 70 -13.14 20.97 -23.25
N HIS B 71 -13.41 21.32 -24.51
CA HIS B 71 -13.13 22.66 -25.10
C HIS B 71 -14.31 23.60 -24.83
N PHE B 72 -14.01 24.80 -24.32
CA PHE B 72 -14.94 25.94 -24.22
C PHE B 72 -14.52 26.97 -25.27
N GLU B 73 -15.33 27.16 -26.31
CA GLU B 73 -14.99 28.00 -27.50
C GLU B 73 -16.10 29.02 -27.76
N PRO B 74 -16.18 30.13 -27.00
CA PRO B 74 -15.40 30.34 -25.80
C PRO B 74 -16.16 29.99 -24.51
N VAL B 75 -15.55 30.24 -23.37
CA VAL B 75 -16.21 30.17 -22.03
C VAL B 75 -17.31 31.23 -22.02
N LEU B 76 -18.49 30.88 -21.50
CA LEU B 76 -19.62 31.82 -21.31
C LEU B 76 -20.02 31.78 -19.83
N PRO B 77 -20.65 32.84 -19.30
CA PRO B 77 -20.96 32.91 -17.87
C PRO B 77 -21.73 31.69 -17.33
N ASN B 78 -22.56 31.08 -18.19
CA ASN B 78 -23.43 29.93 -17.86
C ASN B 78 -22.58 28.65 -17.69
N ASP B 79 -21.31 28.67 -18.13
CA ASP B 79 -20.36 27.53 -17.98
C ASP B 79 -19.87 27.40 -16.53
N ASN B 80 -20.13 28.40 -15.68
CA ASN B 80 -19.90 28.34 -14.21
C ASN B 80 -20.53 27.04 -13.68
N GLY B 81 -19.81 26.30 -12.84
CA GLY B 81 -20.34 25.09 -12.16
C GLY B 81 -19.30 23.99 -12.03
N SER B 82 -19.74 22.78 -11.66
CA SER B 82 -18.90 21.60 -11.35
C SER B 82 -19.01 20.56 -12.45
N TYR B 83 -17.88 19.99 -12.87
CA TYR B 83 -17.77 19.01 -13.97
C TYR B 83 -17.08 17.74 -13.46
N ARG B 84 -17.61 16.58 -13.84
CA ARG B 84 -17.03 15.24 -13.60
C ARG B 84 -16.64 14.66 -14.95
N CYS B 85 -15.71 13.73 -14.95
CA CYS B 85 -15.28 12.97 -16.16
C CYS B 85 -15.40 11.48 -15.83
N SER B 86 -15.83 10.66 -16.80
CA SER B 86 -16.15 9.22 -16.64
C SER B 86 -15.51 8.42 -17.78
N ALA B 87 -15.03 7.21 -17.48
CA ALA B 87 -14.39 6.30 -18.46
C ALA B 87 -15.08 4.93 -18.45
N ASN B 88 -15.37 4.39 -19.64
CA ASN B 88 -15.95 3.04 -19.85
C ASN B 88 -14.87 2.10 -20.37
N PHE B 89 -14.58 1.07 -19.60
CA PHE B 89 -13.71 -0.04 -20.01
C PHE B 89 -14.54 -1.30 -19.73
N GLN B 90 -14.95 -2.02 -20.76
CA GLN B 90 -15.74 -3.27 -20.56
C GLN B 90 -16.96 -2.98 -19.69
N SER B 91 -17.11 -3.72 -18.60
CA SER B 91 -18.24 -3.58 -17.65
C SER B 91 -17.83 -2.64 -16.53
N ASN B 92 -16.68 -1.99 -16.67
CA ASN B 92 -16.15 -1.09 -15.60
C ASN B 92 -16.45 0.37 -15.95
N LEU B 93 -16.72 1.17 -14.92
CA LEU B 93 -17.07 2.61 -15.03
C LEU B 93 -16.25 3.38 -13.99
N ILE B 94 -15.27 4.17 -14.45
CA ILE B 94 -14.34 4.94 -13.56
C ILE B 94 -14.86 6.37 -13.47
N GLU B 95 -15.08 6.87 -12.24
CA GLU B 95 -15.78 8.15 -11.95
C GLU B 95 -14.83 9.13 -11.25
N SER B 96 -14.55 10.28 -11.86
CA SER B 96 -13.61 11.31 -11.33
C SER B 96 -14.28 12.13 -10.24
N HIS B 97 -13.49 12.74 -9.36
CA HIS B 97 -13.90 13.90 -8.52
C HIS B 97 -14.37 15.03 -9.45
N SER B 98 -15.30 15.86 -8.98
CA SER B 98 -15.79 17.05 -9.71
C SER B 98 -14.74 18.16 -9.60
N THR B 99 -14.52 18.90 -10.69
CA THR B 99 -13.69 20.13 -10.75
C THR B 99 -14.63 21.32 -10.99
N THR B 100 -14.47 22.41 -10.23
CA THR B 100 -15.36 23.59 -10.25
C THR B 100 -14.76 24.70 -11.15
N LEU B 101 -15.54 25.20 -12.09
CA LEU B 101 -15.22 26.40 -12.91
C LEU B 101 -15.88 27.61 -12.25
N TYR B 102 -15.10 28.68 -12.02
CA TYR B 102 -15.57 30.02 -11.62
C TYR B 102 -15.29 30.98 -12.78
N VAL B 103 -16.34 31.57 -13.35
CA VAL B 103 -16.25 32.47 -14.54
C VAL B 103 -16.38 33.92 -14.04
N THR B 104 -15.69 34.85 -14.70
CA THR B 104 -15.75 36.32 -14.44
C THR B 104 -15.85 37.07 -15.77
N ASP B 105 -16.52 38.22 -15.77
CA ASP B 105 -16.72 39.12 -16.95
C ASP B 105 -17.21 40.50 -16.48
N CYS C 4 9.06 -18.14 30.34
CA CYS C 4 7.75 -17.97 29.63
C CYS C 4 7.09 -19.33 29.36
N ASP C 5 5.81 -19.30 28.99
CA ASP C 5 4.98 -20.48 28.63
C ASP C 5 5.20 -20.78 27.15
N VAL C 6 5.30 -22.06 26.79
CA VAL C 6 5.47 -22.53 25.37
C VAL C 6 4.17 -22.24 24.62
N GLN C 7 4.27 -21.61 23.44
CA GLN C 7 3.09 -21.20 22.63
C GLN C 7 3.32 -21.56 21.16
N LEU C 8 2.27 -22.02 20.49
CA LEU C 8 2.22 -22.27 19.03
C LEU C 8 1.32 -21.20 18.42
N TYR C 9 1.87 -20.35 17.56
CA TYR C 9 1.17 -19.18 16.97
C TYR C 9 0.63 -19.58 15.58
N ILE C 10 -0.37 -20.56 15.56
CA ILE C 10 -1.26 -20.76 14.38
C ILE C 10 -2.62 -20.17 14.74
N LYS C 11 -3.11 -19.25 13.91
CA LYS C 11 -4.39 -18.53 14.13
C LYS C 11 -5.57 -19.47 13.88
N ARG C 12 -6.57 -19.47 14.76
CA ARG C 12 -7.84 -20.19 14.55
C ARG C 12 -8.37 -19.86 13.15
N GLN C 13 -8.84 -20.89 12.42
CA GLN C 13 -9.45 -20.81 11.06
C GLN C 13 -8.39 -20.39 10.03
N SER C 14 -7.11 -20.46 10.39
CA SER C 14 -5.98 -20.26 9.44
C SER C 14 -6.20 -21.14 8.21
N GLU C 15 -5.92 -20.61 7.01
CA GLU C 15 -6.01 -21.40 5.75
C GLU C 15 -4.97 -20.94 4.73
N HIS C 16 -4.63 -21.84 3.81
CA HIS C 16 -3.69 -21.61 2.66
C HIS C 16 -4.28 -22.24 1.41
N SER C 17 -4.27 -21.50 0.30
CA SER C 17 -4.62 -22.00 -1.06
C SER C 17 -3.31 -22.27 -1.81
N ILE C 18 -3.11 -23.51 -2.26
CA ILE C 18 -1.79 -24.00 -2.74
C ILE C 18 -2.03 -24.86 -3.98
N LEU C 19 -1.04 -24.95 -4.87
CA LEU C 19 -1.18 -25.52 -6.23
C LEU C 19 -0.53 -26.91 -6.22
N ALA C 20 -1.29 -27.95 -6.57
CA ALA C 20 -0.78 -29.33 -6.76
C ALA C 20 0.41 -29.27 -7.71
N GLY C 21 1.54 -29.88 -7.33
CA GLY C 21 2.75 -29.98 -8.16
C GLY C 21 3.82 -28.99 -7.74
N ASP C 22 3.42 -27.88 -7.13
CA ASP C 22 4.33 -26.87 -6.53
C ASP C 22 4.76 -27.35 -5.14
N PRO C 23 6.01 -27.05 -4.71
CA PRO C 23 6.41 -27.31 -3.34
C PRO C 23 5.71 -26.33 -2.39
N PHE C 24 5.64 -26.67 -1.11
CA PHE C 24 5.01 -25.84 -0.05
C PHE C 24 5.67 -26.14 1.30
N GLU C 25 5.71 -25.12 2.16
CA GLU C 25 6.29 -25.18 3.53
C GLU C 25 5.22 -24.72 4.53
N LEU C 26 4.70 -25.64 5.33
CA LEU C 26 3.69 -25.34 6.38
C LEU C 26 4.45 -25.11 7.69
N GLU C 27 4.28 -23.93 8.27
CA GLU C 27 5.07 -23.47 9.44
C GLU C 27 4.22 -23.57 10.71
N CYS C 28 4.78 -24.19 11.74
CA CYS C 28 4.34 -24.11 13.15
C CYS C 28 5.26 -23.14 13.88
N PRO C 29 4.85 -21.88 14.12
CA PRO C 29 5.69 -20.93 14.83
C PRO C 29 5.64 -21.23 16.33
N VAL C 30 6.79 -21.57 16.92
CA VAL C 30 6.92 -21.99 18.35
C VAL C 30 7.68 -20.91 19.13
N LYS C 31 7.07 -20.40 20.21
CA LYS C 31 7.73 -19.59 21.26
C LYS C 31 8.12 -20.53 22.40
N TYR C 32 9.41 -20.60 22.71
CA TYR C 32 10.00 -21.35 23.85
C TYR C 32 11.16 -20.50 24.39
N CYS C 33 11.41 -20.61 25.71
CA CYS C 33 12.33 -19.72 26.47
C CYS C 33 13.51 -20.52 27.04
N ALA C 34 13.35 -21.83 27.24
CA ALA C 34 14.42 -22.78 27.57
C ALA C 34 14.08 -24.10 26.85
N ASN C 35 15.05 -25.00 26.77
CA ASN C 35 14.93 -26.35 26.14
C ASN C 35 13.83 -26.35 25.06
N ARG C 36 14.22 -26.50 23.80
CA ARG C 36 13.30 -26.51 22.63
C ARG C 36 12.41 -27.74 22.70
N PRO C 37 11.07 -27.60 22.70
CA PRO C 37 10.18 -28.75 22.80
C PRO C 37 10.21 -29.65 21.56
N HIS C 38 9.81 -30.91 21.71
CA HIS C 38 9.64 -31.90 20.62
C HIS C 38 8.28 -31.63 19.98
N VAL C 39 8.26 -31.23 18.71
CA VAL C 39 7.00 -30.84 18.02
C VAL C 39 6.77 -31.81 16.87
N THR C 40 5.50 -32.12 16.60
CA THR C 40 5.06 -33.08 15.56
C THR C 40 3.85 -32.49 14.85
N TRP C 41 3.75 -32.74 13.54
CA TRP C 41 2.55 -32.41 12.72
C TRP C 41 1.61 -33.61 12.68
N CYS C 42 0.32 -33.35 12.51
CA CYS C 42 -0.71 -34.40 12.30
C CYS C 42 -1.84 -33.82 11.44
N LYS C 43 -2.59 -34.69 10.76
CA LYS C 43 -3.70 -34.31 9.85
C LYS C 43 -5.01 -34.84 10.44
N LEU C 44 -6.03 -33.99 10.55
CA LEU C 44 -7.36 -34.36 11.09
C LEU C 44 -8.08 -35.29 10.10
N ASN C 45 -8.56 -36.43 10.59
CA ASN C 45 -9.57 -37.31 9.96
C ASN C 45 -10.74 -37.35 10.95
N GLY C 46 -11.89 -36.78 10.58
CA GLY C 46 -12.96 -36.43 11.54
C GLY C 46 -12.40 -35.60 12.69
N THR C 47 -12.42 -36.16 13.90
CA THR C 47 -11.97 -35.50 15.16
C THR C 47 -10.84 -36.34 15.76
N THR C 48 -9.88 -36.74 14.93
CA THR C 48 -8.69 -37.58 15.30
C THR C 48 -7.50 -37.11 14.46
N CYS C 49 -6.37 -36.80 15.11
CA CYS C 49 -5.18 -36.20 14.45
C CYS C 49 -4.13 -37.30 14.19
N VAL C 50 -4.12 -37.86 12.99
CA VAL C 50 -3.13 -38.92 12.59
C VAL C 50 -1.76 -38.25 12.45
N LYS C 51 -0.82 -38.60 13.35
CA LYS C 51 0.60 -38.13 13.29
C LYS C 51 1.15 -38.38 11.88
N LEU C 52 2.07 -37.52 11.43
CA LEU C 52 2.71 -37.61 10.09
C LEU C 52 4.15 -38.10 10.25
N GLU C 53 4.34 -39.42 10.19
CA GLU C 53 5.58 -40.12 10.63
C GLU C 53 6.63 -40.13 9.51
N ASP C 54 6.24 -40.45 8.26
CA ASP C 54 7.18 -40.71 7.13
C ASP C 54 7.54 -39.40 6.42
N ARG C 55 7.17 -38.24 6.98
CA ARG C 55 7.19 -36.91 6.29
C ARG C 55 8.45 -36.12 6.63
N GLN C 56 8.93 -35.30 5.67
CA GLN C 56 10.11 -34.41 5.82
C GLN C 56 9.72 -33.17 6.63
N THR C 57 10.41 -32.92 7.75
CA THR C 57 10.23 -31.77 8.64
C THR C 57 11.60 -31.17 8.97
N SER C 58 11.65 -29.87 9.26
CA SER C 58 12.89 -29.14 9.60
C SER C 58 12.57 -27.97 10.55
N TRP C 59 13.61 -27.44 11.18
CA TRP C 59 13.56 -26.24 12.04
C TRP C 59 14.25 -25.06 11.33
N LYS C 60 13.66 -23.87 11.41
CA LYS C 60 14.37 -22.60 11.16
C LYS C 60 14.16 -21.73 12.40
N GLU C 61 15.25 -21.45 13.11
CA GLU C 61 15.25 -20.75 14.42
C GLU C 61 15.53 -19.28 14.16
N GLU C 62 14.76 -18.40 14.78
CA GLU C 62 14.90 -16.92 14.66
C GLU C 62 15.00 -16.38 16.09
N LYS C 63 15.25 -15.07 16.22
CA LYS C 63 15.60 -14.42 17.52
C LYS C 63 14.51 -14.75 18.56
N ASN C 64 13.27 -14.39 18.29
CA ASN C 64 12.18 -14.37 19.32
C ASN C 64 11.12 -15.43 19.02
N ILE C 65 11.23 -16.15 17.90
CA ILE C 65 10.32 -17.27 17.56
C ILE C 65 11.07 -18.26 16.66
N SER C 66 10.62 -19.51 16.65
CA SER C 66 11.21 -20.60 15.84
C SER C 66 10.11 -21.30 15.06
N PHE C 67 10.42 -21.71 13.84
CA PHE C 67 9.45 -22.32 12.89
C PHE C 67 9.82 -23.80 12.71
N PHE C 68 8.86 -24.67 13.04
CA PHE C 68 8.91 -26.12 12.71
C PHE C 68 8.10 -26.32 11.44
N ILE C 69 8.76 -26.75 10.37
CA ILE C 69 8.19 -26.75 8.99
C ILE C 69 7.81 -28.17 8.59
N LEU C 70 6.59 -28.36 8.05
CA LEU C 70 6.17 -29.57 7.31
C LEU C 70 6.36 -29.29 5.82
N HIS C 71 7.25 -30.02 5.16
CA HIS C 71 7.59 -29.87 3.72
C HIS C 71 6.64 -30.72 2.87
N PHE C 72 6.05 -30.12 1.85
CA PHE C 72 5.31 -30.81 0.76
C PHE C 72 6.19 -30.72 -0.50
N GLU C 73 6.76 -31.84 -0.93
CA GLU C 73 7.75 -31.92 -2.04
C GLU C 73 7.31 -32.98 -3.06
N PRO C 74 6.33 -32.69 -3.93
CA PRO C 74 5.51 -31.48 -3.86
C PRO C 74 4.15 -31.72 -3.18
N VAL C 75 3.32 -30.68 -3.16
CA VAL C 75 1.89 -30.79 -2.74
C VAL C 75 1.19 -31.71 -3.74
N LEU C 76 0.36 -32.63 -3.25
CA LEU C 76 -0.47 -33.54 -4.09
C LEU C 76 -1.93 -33.34 -3.71
N PRO C 77 -2.89 -33.65 -4.60
CA PRO C 77 -4.31 -33.32 -4.36
C PRO C 77 -4.85 -33.85 -3.02
N ASN C 78 -4.33 -35.00 -2.57
CA ASN C 78 -4.77 -35.70 -1.35
C ASN C 78 -4.22 -35.00 -0.12
N ASP C 79 -3.32 -34.02 -0.25
CA ASP C 79 -2.80 -33.18 0.86
C ASP C 79 -3.87 -32.16 1.31
N ASN C 80 -4.94 -31.97 0.55
CA ASN C 80 -6.14 -31.18 0.97
C ASN C 80 -6.57 -31.64 2.37
N GLY C 81 -6.86 -30.72 3.29
CA GLY C 81 -7.40 -31.02 4.63
C GLY C 81 -6.82 -30.13 5.72
N SER C 82 -7.04 -30.50 6.99
CA SER C 82 -6.71 -29.71 8.20
C SER C 82 -5.51 -30.33 8.92
N TYR C 83 -4.57 -29.50 9.36
CA TYR C 83 -3.31 -29.91 10.03
C TYR C 83 -3.20 -29.19 11.37
N ARG C 84 -2.81 -29.93 12.41
CA ARG C 84 -2.49 -29.40 13.76
C ARG C 84 -1.00 -29.63 13.99
N CYS C 85 -0.40 -28.84 14.87
CA CYS C 85 0.99 -29.02 15.33
C CYS C 85 0.97 -29.11 16.87
N SER C 86 1.82 -29.96 17.44
CA SER C 86 1.84 -30.30 18.90
C SER C 86 3.27 -30.25 19.42
N ALA C 87 3.46 -29.77 20.65
CA ALA C 87 4.79 -29.65 21.31
C ALA C 87 4.76 -30.38 22.65
N ASN C 88 5.80 -31.18 22.94
CA ASN C 88 6.05 -31.84 24.25
C ASN C 88 7.17 -31.10 25.00
N PHE C 89 6.80 -30.37 26.03
CA PHE C 89 7.78 -29.69 26.91
C PHE C 89 7.54 -30.23 28.30
N GLN C 90 8.51 -30.98 28.82
CA GLN C 90 8.38 -31.57 30.18
C GLN C 90 7.09 -32.37 30.24
N SER C 91 6.22 -32.10 31.21
CA SER C 91 4.95 -32.86 31.39
C SER C 91 3.81 -32.16 30.64
N ASN C 92 4.13 -31.13 29.88
CA ASN C 92 3.13 -30.31 29.16
C ASN C 92 3.00 -30.78 27.71
N LEU C 93 1.79 -30.67 27.17
CA LEU C 93 1.46 -30.93 25.75
C LEU C 93 0.69 -29.72 25.20
N ILE C 94 1.32 -28.94 24.32
CA ILE C 94 0.75 -27.69 23.74
C ILE C 94 0.17 -28.04 22.37
N GLU C 95 -1.11 -27.71 22.15
CA GLU C 95 -1.91 -28.12 20.97
C GLU C 95 -2.33 -26.88 20.18
N SER C 96 -1.90 -26.76 18.92
CA SER C 96 -2.17 -25.61 18.03
C SER C 96 -3.60 -25.69 17.49
N HIS C 97 -4.15 -24.55 17.08
CA HIS C 97 -5.32 -24.47 16.15
C HIS C 97 -4.97 -25.23 14.87
N SER C 98 -5.96 -25.83 14.22
CA SER C 98 -5.80 -26.49 12.90
C SER C 98 -5.72 -25.41 11.83
N THR C 99 -4.84 -25.62 10.84
CA THR C 99 -4.73 -24.81 9.61
C THR C 99 -5.21 -25.66 8.44
N THR C 100 -6.07 -25.12 7.57
CA THR C 100 -6.70 -25.85 6.44
C THR C 100 -5.92 -25.56 5.15
N LEU C 101 -5.53 -26.63 4.45
CA LEU C 101 -4.94 -26.56 3.08
C LEU C 101 -6.06 -26.80 2.08
N TYR C 102 -6.20 -25.90 1.09
CA TYR C 102 -7.06 -26.06 -0.10
C TYR C 102 -6.13 -26.21 -1.32
N VAL C 103 -6.20 -27.36 -2.01
CA VAL C 103 -5.33 -27.68 -3.17
C VAL C 103 -6.13 -27.46 -4.46
N THR C 104 -5.45 -26.99 -5.52
CA THR C 104 -6.04 -26.73 -6.86
C THR C 104 -5.05 -27.17 -7.95
N ASP C 105 -5.51 -27.19 -9.20
CA ASP C 105 -4.77 -27.75 -10.37
C ASP C 105 -4.60 -26.68 -11.44
N VAL C 106 -5.61 -25.82 -11.65
CA VAL C 106 -5.59 -24.69 -12.64
C VAL C 106 -4.60 -23.62 -12.15
N LYS C 107 -3.64 -23.26 -13.01
CA LYS C 107 -2.57 -22.25 -12.75
C LYS C 107 -1.20 -22.86 -13.11
N SER D 3 12.41 1.66 -15.32
CA SER D 3 11.66 1.34 -16.59
C SER D 3 10.86 2.57 -17.06
N CYS D 4 11.29 3.79 -16.72
CA CYS D 4 10.78 5.07 -17.29
C CYS D 4 11.69 6.25 -16.92
N ASP D 5 11.52 7.36 -17.63
CA ASP D 5 12.20 8.66 -17.39
C ASP D 5 11.40 9.46 -16.35
N VAL D 6 12.08 10.12 -15.41
CA VAL D 6 11.46 10.94 -14.33
C VAL D 6 10.81 12.17 -14.98
N GLN D 7 9.53 12.44 -14.67
CA GLN D 7 8.76 13.56 -15.26
C GLN D 7 8.01 14.32 -14.17
N LEU D 8 7.94 15.65 -14.33
CA LEU D 8 7.11 16.56 -13.50
C LEU D 8 5.96 17.05 -14.38
N TYR D 9 4.72 16.73 -14.02
CA TYR D 9 3.52 17.05 -14.83
C TYR D 9 2.89 18.35 -14.30
N ILE D 10 3.60 19.47 -14.47
CA ILE D 10 3.03 20.85 -14.39
C ILE D 10 2.92 21.39 -15.81
N LYS D 11 1.72 21.79 -16.22
CA LYS D 11 1.41 22.26 -17.60
C LYS D 11 1.99 23.67 -17.79
N ARG D 12 2.64 23.92 -18.91
CA ARG D 12 3.09 25.28 -19.31
C ARG D 12 1.91 26.25 -19.15
N GLN D 13 2.18 27.42 -18.56
CA GLN D 13 1.22 28.55 -18.36
C GLN D 13 0.15 28.14 -17.34
N SER D 14 0.38 27.07 -16.59
CA SER D 14 -0.47 26.65 -15.45
C SER D 14 -0.66 27.86 -14.52
N GLU D 15 -1.88 28.05 -14.00
CA GLU D 15 -2.17 29.11 -13.01
C GLU D 15 -3.27 28.65 -12.05
N HIS D 16 -3.29 29.25 -10.86
CA HIS D 16 -4.29 29.05 -9.79
C HIS D 16 -4.69 30.40 -9.23
N SER D 17 -5.99 30.64 -9.11
CA SER D 17 -6.60 31.80 -8.40
C SER D 17 -7.03 31.33 -7.03
N ILE D 18 -6.51 31.96 -5.98
CA ILE D 18 -6.79 31.55 -4.58
C ILE D 18 -7.09 32.83 -3.78
N LEU D 19 -7.90 32.67 -2.73
CA LEU D 19 -8.42 33.75 -1.87
C LEU D 19 -7.49 33.91 -0.66
N ALA D 20 -7.01 35.14 -0.41
CA ALA D 20 -6.16 35.47 0.76
C ALA D 20 -6.86 34.96 2.02
N GLY D 21 -6.16 34.21 2.86
CA GLY D 21 -6.72 33.70 4.13
C GLY D 21 -7.15 32.25 4.07
N ASP D 22 -7.44 31.74 2.86
CA ASP D 22 -7.74 30.29 2.63
C ASP D 22 -6.45 29.49 2.55
N PRO D 23 -6.40 28.27 3.11
CA PRO D 23 -5.23 27.42 2.97
C PRO D 23 -5.19 26.87 1.54
N PHE D 24 -4.03 26.41 1.08
CA PHE D 24 -3.83 25.92 -0.30
C PHE D 24 -2.66 24.94 -0.35
N GLU D 25 -2.76 24.00 -1.28
CA GLU D 25 -1.76 22.93 -1.52
C GLU D 25 -1.33 23.00 -3.00
N LEU D 26 -0.09 23.41 -3.25
CA LEU D 26 0.48 23.49 -4.62
C LEU D 26 1.21 22.16 -4.88
N GLU D 27 0.78 21.43 -5.91
CA GLU D 27 1.21 20.04 -6.18
C GLU D 27 2.21 20.03 -7.34
N CYS D 28 3.34 19.37 -7.12
CA CYS D 28 4.28 18.91 -8.16
C CYS D 28 4.03 17.42 -8.40
N PRO D 29 3.29 17.04 -9.47
CA PRO D 29 3.03 15.63 -9.75
C PRO D 29 4.28 15.00 -10.37
N VAL D 30 4.84 13.99 -9.70
CA VAL D 30 6.13 13.33 -10.06
C VAL D 30 5.84 11.91 -10.54
N LYS D 31 6.27 11.59 -11.76
CA LYS D 31 6.36 10.20 -12.28
C LYS D 31 7.81 9.73 -12.09
N TYR D 32 8.00 8.66 -11.32
CA TYR D 32 9.29 8.00 -11.05
C TYR D 32 9.02 6.51 -10.93
N CYS D 33 9.98 5.69 -11.36
CA CYS D 33 9.84 4.22 -11.59
C CYS D 33 10.82 3.45 -10.68
N ALA D 34 11.79 4.11 -10.07
CA ALA D 34 12.85 3.49 -9.27
C ALA D 34 12.95 4.14 -7.87
N ASN D 35 14.09 4.72 -7.52
CA ASN D 35 14.30 5.56 -6.32
C ASN D 35 13.56 6.89 -6.51
N ARG D 36 12.75 7.26 -5.52
CA ARG D 36 12.03 8.57 -5.48
C ARG D 36 13.01 9.72 -5.48
N PRO D 37 12.96 10.66 -6.44
CA PRO D 37 13.95 11.74 -6.50
C PRO D 37 13.75 12.76 -5.37
N HIS D 38 14.80 13.52 -5.07
CA HIS D 38 14.78 14.68 -4.13
C HIS D 38 14.20 15.87 -4.89
N VAL D 39 13.02 16.36 -4.47
CA VAL D 39 12.34 17.46 -5.19
C VAL D 39 12.25 18.66 -4.26
N THR D 40 12.37 19.86 -4.81
CA THR D 40 12.35 21.15 -4.09
C THR D 40 11.49 22.14 -4.90
N TRP D 41 10.77 23.00 -4.20
CA TRP D 41 10.03 24.15 -4.77
C TRP D 41 10.93 25.38 -4.75
N CYS D 42 10.71 26.30 -5.69
CA CYS D 42 11.37 27.62 -5.74
C CYS D 42 10.42 28.65 -6.37
N LYS D 43 10.60 29.93 -6.05
CA LYS D 43 9.77 31.05 -6.55
C LYS D 43 10.63 31.93 -7.45
N LEU D 44 10.15 32.21 -8.66
CA LEU D 44 10.88 33.04 -9.66
C LEU D 44 10.88 34.49 -9.19
N ASN D 45 12.06 35.11 -9.13
CA ASN D 45 12.29 36.57 -9.03
C ASN D 45 13.10 36.94 -10.28
N GLY D 46 12.51 37.70 -11.19
CA GLY D 46 13.03 37.86 -12.57
C GLY D 46 13.26 36.52 -13.22
N THR D 47 14.53 36.19 -13.48
CA THR D 47 14.99 34.96 -14.17
C THR D 47 15.91 34.18 -13.23
N THR D 48 15.51 34.03 -11.97
CA THR D 48 16.23 33.34 -10.89
C THR D 48 15.21 32.67 -9.96
N CYS D 49 15.36 31.37 -9.70
CA CYS D 49 14.41 30.57 -8.88
C CYS D 49 14.96 30.42 -7.45
N VAL D 50 14.52 31.28 -6.53
CA VAL D 50 14.96 31.23 -5.11
C VAL D 50 14.32 30.01 -4.46
N LYS D 51 15.13 29.01 -4.08
CA LYS D 51 14.67 27.79 -3.35
C LYS D 51 13.84 28.22 -2.13
N LEU D 52 12.87 27.41 -1.74
CA LEU D 52 12.01 27.62 -0.54
C LEU D 52 12.44 26.64 0.54
N GLU D 53 11.98 26.87 1.77
CA GLU D 53 12.34 26.06 2.96
C GLU D 53 11.41 24.83 3.03
N ASP D 54 11.90 23.74 3.62
CA ASP D 54 11.16 22.45 3.75
C ASP D 54 10.24 22.47 4.97
N ARG D 55 10.16 23.60 5.68
CA ARG D 55 9.27 23.81 6.85
C ARG D 55 7.89 23.20 6.56
N GLN D 56 7.33 23.40 5.36
CA GLN D 56 5.94 22.99 5.03
C GLN D 56 5.90 22.51 3.58
N THR D 57 6.54 21.36 3.34
CA THR D 57 6.33 20.49 2.16
C THR D 57 6.06 19.06 2.64
N SER D 58 5.34 18.27 1.84
CA SER D 58 5.01 16.86 2.13
C SER D 58 4.85 16.07 0.83
N TRP D 59 4.84 14.74 0.94
CA TRP D 59 4.55 13.79 -0.16
C TRP D 59 3.19 13.14 0.07
N LYS D 60 2.41 13.00 -1.00
CA LYS D 60 1.25 12.07 -1.04
C LYS D 60 1.47 11.16 -2.26
N GLU D 61 1.69 9.88 -2.01
CA GLU D 61 2.06 8.87 -3.03
C GLU D 61 0.79 8.17 -3.49
N GLU D 62 0.63 8.02 -4.81
CA GLU D 62 -0.52 7.34 -5.44
C GLU D 62 0.04 6.26 -6.36
N LYS D 63 -0.83 5.41 -6.93
CA LYS D 63 -0.44 4.19 -7.67
C LYS D 63 0.59 4.55 -8.76
N ASN D 64 0.21 5.43 -9.70
CA ASN D 64 0.97 5.65 -10.96
C ASN D 64 1.60 7.05 -11.00
N ILE D 65 1.34 7.88 -9.98
CA ILE D 65 1.97 9.23 -9.84
C ILE D 65 2.03 9.59 -8.36
N SER D 66 2.95 10.48 -8.00
CA SER D 66 3.17 10.96 -6.62
C SER D 66 3.20 12.50 -6.62
N PHE D 67 2.64 13.09 -5.58
CA PHE D 67 2.48 14.56 -5.44
C PHE D 67 3.41 15.07 -4.34
N PHE D 68 4.33 15.97 -4.69
CA PHE D 68 5.15 16.74 -3.73
C PHE D 68 4.47 18.09 -3.55
N ILE D 69 4.00 18.38 -2.33
CA ILE D 69 3.07 19.50 -2.05
C ILE D 69 3.84 20.63 -1.36
N LEU D 70 3.64 21.86 -1.83
CA LEU D 70 4.01 23.10 -1.11
C LEU D 70 2.76 23.64 -0.39
N HIS D 71 2.75 23.65 0.94
CA HIS D 71 1.60 24.07 1.78
C HIS D 71 1.63 25.59 2.02
N PHE D 72 0.50 26.26 1.77
CA PHE D 72 0.26 27.66 2.14
C PHE D 72 -0.76 27.69 3.29
N GLU D 73 -0.34 28.08 4.48
CA GLU D 73 -1.15 27.99 5.73
C GLU D 73 -1.17 29.33 6.45
N PRO D 74 -1.98 30.32 6.00
CA PRO D 74 -2.71 30.25 4.72
C PRO D 74 -1.98 30.99 3.58
N VAL D 75 -2.62 31.05 2.40
CA VAL D 75 -2.18 31.89 1.26
C VAL D 75 -2.28 33.35 1.71
N LEU D 76 -1.26 34.15 1.40
CA LEU D 76 -1.26 35.61 1.64
C LEU D 76 -0.92 36.31 0.33
N PRO D 77 -1.31 37.60 0.18
CA PRO D 77 -0.96 38.40 -0.99
C PRO D 77 0.52 38.36 -1.38
N ASN D 78 1.43 38.17 -0.44
CA ASN D 78 2.91 38.08 -0.66
C ASN D 78 3.26 36.84 -1.52
N ASP D 79 2.41 35.83 -1.45
CA ASP D 79 2.60 34.50 -2.09
C ASP D 79 2.28 34.61 -3.59
N ASN D 80 1.67 35.69 -4.05
CA ASN D 80 1.46 36.02 -5.48
C ASN D 80 2.80 35.84 -6.21
N GLY D 81 2.80 35.18 -7.37
CA GLY D 81 3.99 34.99 -8.21
C GLY D 81 4.07 33.59 -8.82
N SER D 82 5.22 33.26 -9.39
CA SER D 82 5.48 32.06 -10.22
C SER D 82 6.37 31.08 -9.45
N TYR D 83 6.02 29.79 -9.48
CA TYR D 83 6.72 28.71 -8.75
C TYR D 83 7.12 27.61 -9.75
N ARG D 84 8.34 27.11 -9.60
CA ARG D 84 8.88 25.93 -10.33
C ARG D 84 9.12 24.83 -9.30
N CYS D 85 9.12 23.59 -9.76
CA CYS D 85 9.50 22.41 -8.94
C CYS D 85 10.62 21.66 -9.68
N SER D 86 11.61 21.14 -8.94
CA SER D 86 12.84 20.51 -9.49
C SER D 86 13.09 19.19 -8.77
N ALA D 87 13.58 18.18 -9.49
CA ALA D 87 13.85 16.81 -8.98
C ALA D 87 15.29 16.43 -9.30
N ASN D 88 16.02 15.88 -8.31
CA ASN D 88 17.40 15.33 -8.45
C ASN D 88 17.34 13.80 -8.45
N PHE D 89 17.57 13.21 -9.61
CA PHE D 89 17.65 11.74 -9.75
C PHE D 89 19.02 11.45 -10.36
N GLN D 90 19.89 10.80 -9.62
CA GLN D 90 21.23 10.45 -10.13
C GLN D 90 21.93 11.71 -10.62
N SER D 91 22.41 11.72 -11.85
CA SER D 91 23.13 12.89 -12.42
C SER D 91 22.14 13.78 -13.16
N ASN D 92 20.87 13.48 -13.01
CA ASN D 92 19.81 14.22 -13.74
C ASN D 92 19.19 15.28 -12.82
N LEU D 93 18.81 16.40 -13.43
CA LEU D 93 18.01 17.49 -12.82
C LEU D 93 16.80 17.76 -13.72
N ILE D 94 15.60 17.40 -13.25
CA ILE D 94 14.33 17.55 -14.01
C ILE D 94 13.66 18.85 -13.55
N GLU D 95 13.34 19.73 -14.50
CA GLU D 95 12.87 21.13 -14.28
C GLU D 95 11.45 21.28 -14.80
N SER D 96 10.50 21.59 -13.92
CA SER D 96 9.06 21.77 -14.26
C SER D 96 8.84 23.12 -14.93
N HIS D 97 7.76 23.25 -15.72
CA HIS D 97 7.14 24.54 -16.08
C HIS D 97 6.79 25.30 -14.79
N SER D 98 6.84 26.63 -14.84
CA SER D 98 6.40 27.50 -13.72
C SER D 98 4.87 27.52 -13.71
N THR D 99 4.30 27.51 -12.51
CA THR D 99 2.84 27.69 -12.26
C THR D 99 2.67 29.03 -11.53
N THR D 100 1.73 29.86 -11.97
CA THR D 100 1.50 31.21 -11.42
C THR D 100 0.36 31.18 -10.39
N LEU D 101 0.61 31.72 -9.19
CA LEU D 101 -0.43 31.97 -8.16
C LEU D 101 -0.90 33.42 -8.30
N TYR D 102 -2.22 33.61 -8.38
CA TYR D 102 -2.91 34.92 -8.27
C TYR D 102 -3.70 34.89 -6.95
N VAL D 103 -3.42 35.85 -6.06
CA VAL D 103 -4.15 36.02 -4.77
C VAL D 103 -5.17 37.15 -4.93
N THR D 104 -6.34 37.01 -4.30
CA THR D 104 -7.46 37.99 -4.35
C THR D 104 -8.13 38.10 -2.98
N ASP D 105 -9.08 39.05 -2.86
CA ASP D 105 -10.01 39.23 -1.70
C ASP D 105 -11.34 38.54 -2.03
N GLU E 1 4.39 31.30 -31.13
CA GLU E 1 5.16 30.48 -30.14
C GLU E 1 6.45 31.21 -29.78
N ILE E 2 6.37 32.38 -29.14
CA ILE E 2 7.55 33.17 -28.67
C ILE E 2 7.64 33.10 -27.14
N CYS E 3 8.83 32.77 -26.63
CA CYS E 3 9.04 32.24 -25.25
C CYS E 3 9.10 33.40 -24.25
N LYS E 4 8.66 33.15 -23.03
CA LYS E 4 8.80 34.07 -21.87
C LYS E 4 10.28 34.12 -21.46
N PRO E 5 10.73 35.19 -20.78
CA PRO E 5 12.16 35.38 -20.49
C PRO E 5 12.75 34.31 -19.55
N GLU E 6 11.93 33.69 -18.69
CA GLU E 6 12.38 32.62 -17.76
C GLU E 6 12.52 31.28 -18.49
N GLU E 7 12.05 31.19 -19.76
CA GLU E 7 12.08 29.95 -20.56
C GLU E 7 13.19 30.02 -21.61
N VAL E 8 13.37 28.92 -22.35
CA VAL E 8 14.34 28.75 -23.47
C VAL E 8 13.66 27.91 -24.56
N GLN E 9 13.83 28.28 -25.83
CA GLN E 9 13.32 27.50 -26.99
C GLN E 9 14.18 26.26 -27.13
N LEU E 10 13.58 25.07 -27.07
CA LEU E 10 14.32 23.79 -27.24
C LEU E 10 14.07 23.22 -28.63
N GLY E 11 12.87 22.69 -28.89
CA GLY E 11 12.48 22.27 -30.25
C GLY E 11 11.69 23.38 -30.91
N ASP E 12 10.41 23.10 -31.21
CA ASP E 12 9.35 24.10 -31.46
C ASP E 12 8.62 24.40 -30.14
N GLN E 13 9.31 24.24 -29.00
CA GLN E 13 8.71 24.18 -27.64
C GLN E 13 9.40 25.20 -26.72
N CYS E 14 8.61 25.94 -25.93
CA CYS E 14 9.09 26.85 -24.86
C CYS E 14 9.21 26.06 -23.54
N CYS E 15 10.42 25.97 -22.99
CA CYS E 15 10.79 25.01 -21.91
C CYS E 15 11.55 25.69 -20.77
N PRO E 16 11.47 25.15 -19.55
CA PRO E 16 12.36 25.55 -18.46
C PRO E 16 13.83 25.37 -18.83
N PRO E 17 14.72 26.30 -18.43
CA PRO E 17 16.16 26.12 -18.68
C PRO E 17 16.78 25.11 -17.72
N CYS E 18 18.04 24.74 -17.94
CA CYS E 18 18.87 23.89 -17.03
C CYS E 18 19.69 24.78 -16.10
N LYS E 19 20.04 24.26 -14.92
CA LYS E 19 20.98 24.91 -13.97
C LYS E 19 22.41 24.82 -14.54
N GLN E 20 23.31 25.60 -13.95
CA GLN E 20 24.67 25.96 -14.48
C GLN E 20 25.43 24.74 -15.00
N GLY E 21 25.58 23.68 -14.20
CA GLY E 21 26.49 22.56 -14.50
C GLY E 21 25.86 21.48 -15.37
N TYR E 22 24.75 21.79 -16.05
CA TYR E 22 23.87 20.79 -16.70
C TYR E 22 23.64 21.16 -18.17
N ARG E 23 23.48 20.14 -19.03
CA ARG E 23 23.00 20.30 -20.43
C ARG E 23 21.63 19.61 -20.56
N VAL E 24 20.83 20.02 -21.55
CA VAL E 24 19.49 19.42 -21.86
C VAL E 24 19.69 18.01 -22.43
N THR E 25 19.17 16.99 -21.73
CA THR E 25 19.16 15.58 -22.18
C THR E 25 17.77 15.18 -22.68
N GLY E 26 16.74 15.91 -22.30
CA GLY E 26 15.35 15.69 -22.74
C GLY E 26 14.58 16.99 -22.87
N GLN E 27 13.92 17.20 -24.01
CA GLN E 27 13.10 18.40 -24.27
C GLN E 27 11.81 18.28 -23.46
N CYS E 28 11.27 19.41 -23.01
CA CYS E 28 9.95 19.49 -22.34
C CYS E 28 8.84 19.34 -23.39
N THR E 29 7.62 19.06 -22.94
CA THR E 29 6.36 19.19 -23.72
C THR E 29 5.48 20.22 -23.01
N GLN E 30 4.28 20.45 -23.51
CA GLN E 30 3.29 21.37 -22.89
C GLN E 30 3.00 20.93 -21.45
N TYR E 31 3.07 19.62 -21.18
CA TYR E 31 2.59 19.01 -19.91
C TYR E 31 3.74 18.47 -19.07
N THR E 32 4.97 18.45 -19.60
CA THR E 32 6.12 17.76 -18.96
C THR E 32 7.34 18.68 -18.83
N SER E 33 8.26 18.26 -17.96
CA SER E 33 9.50 18.95 -17.56
C SER E 33 10.60 18.78 -18.63
N THR E 34 11.61 19.65 -18.58
CA THR E 34 12.91 19.50 -19.27
C THR E 34 13.79 18.57 -18.42
N THR E 35 14.55 17.68 -19.05
CA THR E 35 15.53 16.80 -18.37
C THR E 35 16.92 17.38 -18.63
N CYS E 36 17.68 17.59 -17.56
CA CYS E 36 19.07 18.11 -17.58
C CYS E 36 19.99 17.03 -17.00
N THR E 37 21.19 16.89 -17.55
CA THR E 37 22.22 15.96 -17.05
C THR E 37 23.48 16.75 -16.73
N LEU E 38 24.07 16.40 -15.58
CA LEU E 38 25.40 16.88 -15.09
C LEU E 38 26.45 16.51 -16.14
N CYS E 39 27.14 17.49 -16.73
CA CYS E 39 28.36 17.26 -17.55
C CYS E 39 29.42 16.68 -16.63
N PRO E 40 30.03 15.51 -16.96
CA PRO E 40 30.98 14.85 -16.05
C PRO E 40 32.31 15.61 -15.94
N SER E 41 33.06 15.36 -14.86
CA SER E 41 34.33 16.06 -14.54
C SER E 41 35.30 15.96 -15.73
N GLY E 42 35.93 17.08 -16.09
CA GLY E 42 36.84 17.19 -17.24
C GLY E 42 36.13 17.61 -18.51
N THR E 43 34.84 17.97 -18.41
CA THR E 43 33.99 18.47 -19.54
C THR E 43 33.29 19.76 -19.10
N TYR E 44 32.86 20.58 -20.07
CA TYR E 44 32.10 21.83 -19.83
C TYR E 44 30.88 21.88 -20.76
N VAL E 45 29.80 22.50 -20.27
CA VAL E 45 28.53 22.70 -21.05
C VAL E 45 28.85 23.66 -22.20
N SER E 46 28.81 23.15 -23.44
CA SER E 46 29.29 23.82 -24.67
C SER E 46 28.13 24.57 -25.35
N GLY E 47 27.10 23.85 -25.80
CA GLY E 47 25.83 24.43 -26.24
C GLY E 47 24.76 24.22 -25.17
N LEU E 48 23.49 24.19 -25.58
CA LEU E 48 22.35 23.71 -24.76
C LEU E 48 22.52 22.22 -24.45
N TYR E 49 23.06 21.45 -25.40
CA TYR E 49 22.93 19.97 -25.46
C TYR E 49 24.25 19.21 -25.28
N GLN E 50 25.42 19.85 -25.40
CA GLN E 50 26.73 19.16 -25.54
C GLN E 50 27.63 19.40 -24.33
N CYS E 51 28.30 18.35 -23.83
CA CYS E 51 29.49 18.44 -22.96
C CYS E 51 30.76 18.30 -23.82
N THR E 52 31.58 19.35 -23.90
CA THR E 52 32.86 19.37 -24.65
C THR E 52 34.01 19.13 -23.66
N GLN E 53 34.98 18.30 -24.04
CA GLN E 53 36.19 17.97 -23.24
C GLN E 53 37.01 19.26 -23.01
N CYS E 54 37.43 19.49 -21.76
CA CYS E 54 38.29 20.63 -21.36
C CYS E 54 39.69 20.43 -21.97
N ARG E 65 44.09 25.87 -11.51
CA ARG E 65 43.06 24.96 -12.04
C ARG E 65 42.74 25.34 -13.49
N ASN E 66 42.44 24.35 -14.33
CA ASN E 66 42.14 24.51 -15.77
C ASN E 66 40.63 24.43 -16.02
N CYS E 67 40.08 23.22 -15.98
CA CYS E 67 38.71 22.87 -16.42
C CYS E 67 37.70 23.46 -15.43
N THR E 68 36.86 24.39 -15.88
CA THR E 68 35.69 24.94 -15.13
C THR E 68 34.40 24.32 -15.69
N SER E 69 33.26 24.56 -15.03
CA SER E 69 31.91 24.09 -15.45
C SER E 69 31.53 24.64 -16.83
N THR E 70 32.00 25.85 -17.19
CA THR E 70 31.61 26.60 -18.42
C THR E 70 32.84 27.21 -19.11
N GLN E 71 34.04 26.63 -18.94
CA GLN E 71 35.31 27.12 -19.56
C GLN E 71 36.33 25.99 -19.72
N ASN E 72 37.44 26.27 -20.43
CA ASN E 72 38.62 25.37 -20.56
C ASN E 72 39.75 26.11 -21.28
N ILE F 2 17.85 -15.01 -7.66
CA ILE F 2 17.84 -13.57 -8.01
C ILE F 2 16.74 -12.88 -7.18
N CYS F 3 17.05 -11.69 -6.65
CA CYS F 3 16.10 -10.83 -5.88
C CYS F 3 15.10 -10.14 -6.82
N LYS F 4 13.88 -9.92 -6.33
CA LYS F 4 12.83 -9.12 -7.02
C LYS F 4 13.25 -7.65 -7.03
N PRO F 5 12.75 -6.84 -7.98
CA PRO F 5 13.20 -5.45 -8.13
C PRO F 5 12.87 -4.55 -6.93
N GLU F 6 11.83 -4.88 -6.17
CA GLU F 6 11.42 -4.11 -4.95
C GLU F 6 12.32 -4.47 -3.76
N GLU F 7 13.18 -5.49 -3.89
CA GLU F 7 14.09 -5.97 -2.80
C GLU F 7 15.52 -5.51 -3.08
N VAL F 8 16.42 -5.81 -2.15
CA VAL F 8 17.90 -5.54 -2.23
C VAL F 8 18.63 -6.74 -1.62
N GLN F 9 19.70 -7.20 -2.27
CA GLN F 9 20.59 -8.27 -1.74
C GLN F 9 21.40 -7.68 -0.58
N LEU F 10 21.28 -8.25 0.62
CA LEU F 10 22.05 -7.80 1.81
C LEU F 10 23.24 -8.76 2.05
N GLY F 11 22.98 -10.00 2.45
CA GLY F 11 24.00 -11.07 2.42
C GLY F 11 23.89 -11.86 1.12
N ASP F 12 23.63 -13.17 1.23
CA ASP F 12 23.03 -14.00 0.16
C ASP F 12 21.50 -14.05 0.37
N GLN F 13 20.94 -12.97 0.93
CA GLN F 13 19.53 -12.88 1.38
C GLN F 13 18.85 -11.69 0.67
N CYS F 14 17.62 -11.93 0.18
CA CYS F 14 16.77 -10.92 -0.47
C CYS F 14 15.91 -10.23 0.58
N CYS F 15 16.05 -8.91 0.72
CA CYS F 15 15.51 -8.11 1.86
C CYS F 15 14.78 -6.87 1.36
N PRO F 16 13.77 -6.41 2.11
CA PRO F 16 13.19 -5.08 1.88
C PRO F 16 14.26 -3.99 1.96
N PRO F 17 14.21 -2.97 1.09
CA PRO F 17 15.17 -1.87 1.16
C PRO F 17 14.85 -0.92 2.32
N CYS F 18 15.76 0.03 2.58
CA CYS F 18 15.55 1.16 3.52
C CYS F 18 15.03 2.37 2.75
N LYS F 19 14.31 3.29 3.42
CA LYS F 19 13.89 4.59 2.86
C LYS F 19 15.13 5.49 2.71
N GLN F 20 15.01 6.58 1.95
CA GLN F 20 16.13 7.37 1.37
C GLN F 20 17.18 7.75 2.41
N GLY F 21 16.77 8.33 3.55
CA GLY F 21 17.71 8.91 4.54
C GLY F 21 18.27 7.90 5.52
N TYR F 22 18.18 6.61 5.22
CA TYR F 22 18.43 5.51 6.18
C TYR F 22 19.47 4.53 5.63
N ARG F 23 20.29 3.96 6.52
CA ARG F 23 21.25 2.86 6.22
C ARG F 23 20.77 1.59 6.94
N VAL F 24 21.14 0.41 6.41
CA VAL F 24 20.82 -0.92 7.01
C VAL F 24 21.64 -1.08 8.30
N THR F 25 20.95 -1.21 9.44
CA THR F 25 21.51 -1.42 10.80
C THR F 25 21.33 -2.88 11.22
N GLY F 26 20.44 -3.61 10.57
CA GLY F 26 20.21 -5.05 10.78
C GLY F 26 19.70 -5.71 9.52
N GLN F 27 20.33 -6.83 9.13
CA GLN F 27 19.97 -7.60 7.90
C GLN F 27 18.65 -8.33 8.18
N CYS F 28 17.80 -8.50 7.17
CA CYS F 28 16.56 -9.32 7.25
C CYS F 28 16.96 -10.80 7.23
N THR F 29 16.04 -11.68 7.62
CA THR F 29 16.10 -13.14 7.35
C THR F 29 14.86 -13.49 6.51
N GLN F 30 14.66 -14.76 6.20
CA GLN F 30 13.50 -15.22 5.41
C GLN F 30 12.20 -14.88 6.15
N TYR F 31 12.26 -14.81 7.49
CA TYR F 31 11.07 -14.70 8.39
C TYR F 31 11.00 -13.32 9.08
N THR F 32 12.04 -12.48 8.95
CA THR F 32 12.16 -11.23 9.75
C THR F 32 12.47 -10.02 8.85
N SER F 33 12.23 -8.84 9.42
CA SER F 33 12.36 -7.49 8.79
C SER F 33 13.82 -7.05 8.71
N THR F 34 14.09 -6.09 7.82
CA THR F 34 15.34 -5.28 7.76
C THR F 34 15.21 -4.16 8.80
N THR F 35 16.28 -3.84 9.53
CA THR F 35 16.35 -2.68 10.46
C THR F 35 17.15 -1.56 9.77
N CYS F 36 16.57 -0.36 9.70
CA CYS F 36 17.19 0.85 9.09
C CYS F 36 17.34 1.93 10.16
N THR F 37 18.42 2.71 10.10
CA THR F 37 18.65 3.85 11.03
C THR F 37 18.91 5.12 10.20
N LEU F 38 18.33 6.23 10.63
CA LEU F 38 18.48 7.60 10.07
C LEU F 38 19.95 8.00 10.03
N CYS F 39 20.50 8.24 8.83
CA CYS F 39 21.78 8.99 8.66
C CYS F 39 21.58 10.41 9.19
N PRO F 40 22.43 10.89 10.14
CA PRO F 40 22.22 12.21 10.74
C PRO F 40 22.52 13.36 9.76
N SER F 41 21.97 14.54 10.03
CA SER F 41 22.13 15.76 9.19
C SER F 41 23.62 16.05 8.96
N GLY F 42 23.99 16.34 7.71
CA GLY F 42 25.38 16.60 7.29
C GLY F 42 26.08 15.33 6.81
N THR F 43 25.33 14.23 6.69
CA THR F 43 25.82 12.92 6.17
C THR F 43 24.88 12.45 5.06
N TYR F 44 25.37 11.57 4.19
CA TYR F 44 24.58 10.93 3.11
C TYR F 44 24.82 9.41 3.15
N VAL F 45 23.78 8.65 2.78
CA VAL F 45 23.82 7.16 2.66
C VAL F 45 24.79 6.82 1.52
N SER F 46 25.93 6.23 1.85
CA SER F 46 27.10 6.00 0.96
C SER F 46 27.00 4.63 0.28
N GLY F 47 27.04 3.54 1.07
CA GLY F 47 26.68 2.19 0.62
C GLY F 47 25.29 1.83 1.11
N LEU F 48 25.04 0.55 1.33
CA LEU F 48 23.81 0.07 2.03
C LEU F 48 23.90 0.47 3.51
N TYR F 49 25.12 0.48 4.07
CA TYR F 49 25.39 0.35 5.53
C TYR F 49 26.10 1.59 6.13
N GLN F 50 26.62 2.51 5.30
CA GLN F 50 27.49 3.63 5.77
C GLN F 50 26.80 4.98 5.58
N CYS F 51 26.89 5.86 6.57
CA CYS F 51 26.68 7.33 6.44
C CYS F 51 28.04 8.02 6.29
N THR F 52 28.30 8.63 5.13
CA THR F 52 29.55 9.38 4.84
C THR F 52 29.28 10.89 5.01
N GLN F 53 30.22 11.60 5.65
CA GLN F 53 30.16 13.07 5.89
C GLN F 53 30.13 13.80 4.54
N CYS F 54 29.20 14.76 4.39
CA CYS F 54 29.05 15.59 3.17
C CYS F 54 30.28 16.48 2.98
N THR F 55 30.98 16.35 1.85
CA THR F 55 32.19 17.14 1.51
C THR F 55 31.79 18.60 1.33
N GLU F 56 32.66 19.54 1.71
CA GLU F 56 32.47 21.00 1.56
C GLU F 56 33.25 21.50 0.33
N CYS F 57 32.56 22.10 -0.65
CA CYS F 57 33.20 22.82 -1.79
C CYS F 57 33.90 24.07 -1.25
N GLN F 58 35.23 24.14 -1.41
CA GLN F 58 36.10 25.21 -0.84
C GLN F 58 35.80 26.56 -1.52
N ASP F 59 36.47 27.62 -1.05
CA ASP F 59 36.31 29.02 -1.53
C ASP F 59 36.65 29.13 -3.03
N THR F 60 37.59 28.32 -3.54
CA THR F 60 38.02 28.30 -4.97
C THR F 60 37.14 27.34 -5.80
N GLU F 61 35.86 27.21 -5.43
CA GLU F 61 34.87 26.28 -6.06
C GLU F 61 33.45 26.83 -5.84
N VAL F 62 32.50 26.38 -6.66
CA VAL F 62 31.03 26.64 -6.48
C VAL F 62 30.32 25.29 -6.34
N THR F 63 29.27 25.22 -5.52
CA THR F 63 28.41 24.03 -5.35
C THR F 63 27.45 23.94 -6.54
N ILE F 64 27.59 22.88 -7.35
CA ILE F 64 26.72 22.61 -8.54
C ILE F 64 25.42 21.96 -8.04
N ARG F 65 25.54 20.96 -7.15
CA ARG F 65 24.40 20.28 -6.49
C ARG F 65 24.71 20.15 -4.99
N ASN F 66 23.76 20.51 -4.12
CA ASN F 66 23.89 20.41 -2.65
C ASN F 66 23.82 18.94 -2.21
N CYS F 67 24.31 18.63 -1.02
CA CYS F 67 24.31 17.27 -0.41
C CYS F 67 22.88 16.86 -0.10
N THR F 68 22.40 15.78 -0.71
CA THR F 68 21.11 15.11 -0.39
C THR F 68 21.40 13.97 0.59
N SER F 69 20.36 13.27 1.02
CA SER F 69 20.45 12.11 1.93
C SER F 69 21.02 10.88 1.19
N THR F 70 21.09 10.91 -0.14
CA THR F 70 21.53 9.76 -0.98
C THR F 70 22.84 10.06 -1.73
N GLN F 71 23.14 11.33 -2.04
CA GLN F 71 24.29 11.72 -2.89
C GLN F 71 25.11 12.85 -2.24
N ASN F 72 26.43 12.81 -2.48
CA ASN F 72 27.43 13.80 -1.98
C ASN F 72 27.22 15.13 -2.70
N THR F 73 27.80 16.23 -2.20
CA THR F 73 27.86 17.56 -2.88
C THR F 73 28.62 17.38 -4.21
N VAL F 74 28.30 18.19 -5.21
CA VAL F 74 29.05 18.28 -6.49
C VAL F 74 29.70 19.67 -6.54
N CYS F 75 31.02 19.71 -6.78
CA CYS F 75 31.84 20.96 -6.85
C CYS F 75 32.43 21.10 -8.26
N ALA F 76 32.57 22.35 -8.72
CA ALA F 76 33.32 22.72 -9.94
C ALA F 76 34.01 24.08 -9.71
N SER F 77 35.08 24.34 -10.46
CA SER F 77 35.84 25.62 -10.47
C SER F 77 34.97 26.73 -11.08
N LYS F 78 35.13 27.97 -10.59
CA LYS F 78 34.42 29.19 -11.10
C LYS F 78 35.19 29.77 -12.28
N ILE G 2 -21.14 -23.24 18.66
CA ILE G 2 -20.34 -22.34 17.77
C ILE G 2 -19.07 -23.07 17.33
N CYS G 3 -18.55 -24.01 18.15
CA CYS G 3 -17.23 -24.66 17.94
C CYS G 3 -17.34 -25.77 16.90
N LYS G 4 -16.27 -26.00 16.14
CA LYS G 4 -16.13 -27.13 15.20
C LYS G 4 -15.99 -28.42 16.00
N PRO G 5 -16.31 -29.60 15.42
CA PRO G 5 -16.33 -30.86 16.18
C PRO G 5 -14.96 -31.29 16.71
N GLU G 6 -13.86 -30.88 16.06
CA GLU G 6 -12.48 -31.20 16.48
C GLU G 6 -12.05 -30.30 17.66
N GLU G 7 -12.84 -29.27 18.00
CA GLU G 7 -12.53 -28.28 19.05
C GLU G 7 -13.39 -28.56 20.30
N VAL G 8 -13.12 -27.79 21.36
CA VAL G 8 -13.84 -27.82 22.67
C VAL G 8 -13.95 -26.37 23.17
N GLN G 9 -15.11 -25.98 23.70
CA GLN G 9 -15.33 -24.64 24.32
C GLN G 9 -14.59 -24.63 25.66
N LEU G 10 -13.65 -23.69 25.84
CA LEU G 10 -12.91 -23.55 27.11
C LEU G 10 -13.48 -22.38 27.92
N GLY G 11 -13.20 -21.15 27.51
CA GLY G 11 -13.81 -19.95 28.11
C GLY G 11 -14.99 -19.51 27.27
N ASP G 12 -14.88 -18.32 26.68
CA ASP G 12 -15.67 -17.86 25.51
C ASP G 12 -14.91 -18.20 24.22
N GLN G 13 -14.07 -19.23 24.25
CA GLN G 13 -13.04 -19.52 23.20
C GLN G 13 -13.21 -20.95 22.69
N CYS G 14 -13.16 -21.14 21.37
CA CYS G 14 -13.11 -22.47 20.69
C CYS G 14 -11.64 -22.89 20.55
N CYS G 15 -11.25 -24.01 21.17
CA CYS G 15 -9.84 -24.41 21.39
C CYS G 15 -9.61 -25.87 21.03
N PRO G 16 -8.38 -26.25 20.61
CA PRO G 16 -8.00 -27.66 20.48
C PRO G 16 -8.17 -28.41 21.81
N PRO G 17 -8.64 -29.68 21.78
CA PRO G 17 -8.75 -30.47 23.02
C PRO G 17 -7.39 -30.99 23.48
N CYS G 18 -7.34 -31.57 24.68
CA CYS G 18 -6.15 -32.28 25.24
C CYS G 18 -6.25 -33.78 24.95
N LYS G 19 -5.11 -34.47 24.87
CA LYS G 19 -5.02 -35.94 24.74
C LYS G 19 -5.39 -36.58 26.09
N GLN G 20 -5.60 -37.90 26.07
CA GLN G 20 -6.24 -38.73 27.12
C GLN G 20 -5.69 -38.42 28.52
N GLY G 21 -4.37 -38.48 28.72
CA GLY G 21 -3.76 -38.45 30.06
C GLY G 21 -3.50 -37.04 30.56
N TYR G 22 -4.17 -36.03 29.99
CA TYR G 22 -3.84 -34.60 30.19
C TYR G 22 -5.10 -33.83 30.64
N ARG G 23 -4.90 -32.77 31.43
CA ARG G 23 -5.92 -31.73 31.72
C ARG G 23 -5.48 -30.41 31.08
N VAL G 24 -6.43 -29.53 30.78
CA VAL G 24 -6.14 -28.15 30.25
C VAL G 24 -5.60 -27.29 31.40
N THR G 25 -4.37 -26.81 31.24
CA THR G 25 -3.62 -25.98 32.21
C THR G 25 -3.59 -24.52 31.74
N GLY G 26 -3.85 -24.28 30.44
CA GLY G 26 -3.93 -22.94 29.84
C GLY G 26 -4.93 -22.91 28.70
N GLN G 27 -5.84 -21.94 28.70
CA GLN G 27 -6.85 -21.75 27.63
C GLN G 27 -6.14 -21.20 26.39
N CYS G 28 -6.62 -21.57 25.21
CA CYS G 28 -6.15 -21.01 23.91
C CYS G 28 -6.70 -19.60 23.75
N THR G 29 -6.13 -18.83 22.82
CA THR G 29 -6.72 -17.57 22.28
C THR G 29 -6.92 -17.77 20.78
N GLN G 30 -7.38 -16.73 20.08
CA GLN G 30 -7.58 -16.75 18.62
C GLN G 30 -6.23 -17.06 17.93
N TYR G 31 -5.11 -16.67 18.53
CA TYR G 31 -3.77 -16.70 17.88
C TYR G 31 -2.85 -17.73 18.55
N THR G 32 -3.26 -18.35 19.66
CA THR G 32 -2.38 -19.21 20.49
C THR G 32 -3.00 -20.58 20.76
N SER G 33 -2.16 -21.52 21.17
CA SER G 33 -2.46 -22.93 21.46
C SER G 33 -3.10 -23.08 22.85
N THR G 34 -3.75 -24.22 23.09
CA THR G 34 -4.16 -24.67 24.45
C THR G 34 -2.97 -25.37 25.09
N THR G 35 -2.77 -25.18 26.39
CA THR G 35 -1.72 -25.86 27.18
C THR G 35 -2.39 -26.99 27.97
N CYS G 36 -1.84 -28.20 27.81
CA CYS G 36 -2.28 -29.43 28.50
C CYS G 36 -1.12 -29.91 29.37
N THR G 37 -1.44 -30.39 30.57
CA THR G 37 -0.41 -30.97 31.48
C THR G 37 -0.82 -32.40 31.80
N LEU G 38 0.17 -33.28 31.75
CA LEU G 38 0.13 -34.69 32.21
C LEU G 38 -0.24 -34.67 33.70
N CYS G 39 -1.36 -35.28 34.08
CA CYS G 39 -1.75 -35.48 35.51
C CYS G 39 -0.64 -36.30 36.18
N PRO G 40 -0.05 -35.81 37.30
CA PRO G 40 1.10 -36.47 37.91
C PRO G 40 0.73 -37.81 38.57
N SER G 41 1.74 -38.69 38.76
CA SER G 41 1.56 -40.07 39.26
C SER G 41 0.77 -40.06 40.58
N GLY G 42 -0.23 -40.94 40.68
CA GLY G 42 -1.14 -41.02 41.85
C GLY G 42 -2.36 -40.13 41.71
N THR G 43 -2.58 -39.54 40.53
CA THR G 43 -3.78 -38.72 40.17
C THR G 43 -4.36 -39.21 38.84
N TYR G 44 -5.65 -38.93 38.56
CA TYR G 44 -6.34 -39.27 37.29
C TYR G 44 -7.15 -38.05 36.81
N VAL G 45 -7.34 -37.89 35.49
CA VAL G 45 -8.12 -36.76 34.90
C VAL G 45 -9.59 -36.96 35.27
N SER G 46 -10.14 -36.09 36.14
CA SER G 46 -11.59 -35.84 36.26
C SER G 46 -11.80 -34.43 35.76
N GLY G 47 -12.57 -34.27 34.67
CA GLY G 47 -12.95 -32.96 34.11
C GLY G 47 -12.04 -32.55 32.96
N LEU G 48 -12.30 -31.38 32.36
CA LEU G 48 -11.38 -30.70 31.43
C LEU G 48 -10.11 -30.27 32.16
N TYR G 49 -10.25 -29.84 33.43
CA TYR G 49 -9.26 -29.01 34.15
C TYR G 49 -8.66 -29.70 35.39
N GLN G 50 -9.22 -30.82 35.87
CA GLN G 50 -8.92 -31.33 37.24
C GLN G 50 -8.21 -32.69 37.18
N CYS G 51 -7.11 -32.83 37.93
CA CYS G 51 -6.52 -34.12 38.38
C CYS G 51 -7.04 -34.42 39.80
N THR G 52 -7.78 -35.52 39.96
CA THR G 52 -8.26 -36.04 41.28
C THR G 52 -7.29 -37.12 41.80
N GLN G 53 -6.96 -37.07 43.09
CA GLN G 53 -6.07 -38.06 43.77
C GLN G 53 -6.71 -39.45 43.69
N CYS G 54 -5.94 -40.46 43.30
CA CYS G 54 -6.32 -41.90 43.33
C CYS G 54 -6.34 -42.30 44.81
N THR G 55 -7.46 -42.87 45.26
CA THR G 55 -7.63 -43.42 46.64
C THR G 55 -6.66 -44.60 46.82
N GLU G 56 -6.10 -44.74 48.02
CA GLU G 56 -4.95 -45.63 48.32
C GLU G 56 -5.45 -46.88 49.05
N CYS G 57 -5.23 -48.07 48.48
CA CYS G 57 -5.52 -49.39 49.11
C CYS G 57 -4.55 -49.59 50.28
N GLN G 58 -5.08 -49.70 51.51
CA GLN G 58 -4.31 -50.12 52.73
C GLN G 58 -4.53 -51.63 52.93
N ASP G 59 -3.59 -52.44 52.42
CA ASP G 59 -3.55 -53.93 52.40
C ASP G 59 -4.88 -54.53 51.92
N THR G 60 -5.45 -53.94 50.86
CA THR G 60 -6.79 -54.31 50.29
C THR G 60 -6.69 -54.35 48.76
N ILE G 64 -0.68 -54.58 40.61
CA ILE G 64 0.48 -53.65 40.60
C ILE G 64 -0.04 -52.22 40.35
N ARG G 65 -0.93 -52.05 39.37
CA ARG G 65 -1.57 -50.75 39.01
C ARG G 65 -3.07 -50.94 38.84
N ASN G 66 -3.88 -50.09 39.48
CA ASN G 66 -5.37 -50.09 39.40
C ASN G 66 -5.85 -48.76 38.79
N CYS G 67 -5.39 -47.62 39.32
CA CYS G 67 -5.76 -46.25 38.86
C CYS G 67 -5.23 -46.04 37.43
N THR G 68 -6.14 -45.77 36.49
CA THR G 68 -5.81 -45.37 35.09
C THR G 68 -5.81 -43.84 35.02
N SER G 69 -5.52 -43.28 33.84
CA SER G 69 -5.51 -41.81 33.60
C SER G 69 -6.95 -41.26 33.55
N THR G 70 -7.95 -42.12 33.43
CA THR G 70 -9.38 -41.73 33.25
C THR G 70 -10.26 -42.17 34.43
N GLN G 71 -9.87 -43.20 35.18
CA GLN G 71 -10.71 -43.77 36.28
C GLN G 71 -9.87 -43.96 37.55
N ASN G 72 -10.54 -43.80 38.70
CA ASN G 72 -10.02 -44.01 40.08
C ASN G 72 -9.71 -45.49 40.32
N THR G 73 -8.94 -45.80 41.38
CA THR G 73 -8.69 -47.20 41.84
C THR G 73 -10.03 -47.83 42.24
N CYS G 75 -9.60 -51.47 44.29
CA CYS G 75 -9.76 -51.27 45.75
C CYS G 75 -11.18 -51.68 46.18
N ILE H 2 -19.41 14.74 6.73
CA ILE H 2 -18.30 15.59 6.19
C ILE H 2 -18.41 15.68 4.65
N CYS H 3 -19.02 14.69 4.00
CA CYS H 3 -19.09 14.58 2.51
C CYS H 3 -20.18 15.49 1.96
N LYS H 4 -19.96 16.04 0.76
CA LYS H 4 -20.96 16.82 -0.01
C LYS H 4 -22.07 15.87 -0.48
N PRO H 5 -23.28 16.39 -0.78
CA PRO H 5 -24.42 15.54 -1.15
C PRO H 5 -24.22 14.75 -2.46
N GLU H 6 -23.40 15.26 -3.38
CA GLU H 6 -23.10 14.57 -4.66
C GLU H 6 -22.08 13.44 -4.45
N GLU H 7 -21.48 13.33 -3.26
CA GLU H 7 -20.44 12.31 -2.94
C GLU H 7 -21.06 11.21 -2.06
N VAL H 8 -20.24 10.18 -1.76
CA VAL H 8 -20.57 9.04 -0.86
C VAL H 8 -19.31 8.71 -0.05
N GLN H 9 -19.45 8.44 1.26
CA GLN H 9 -18.33 7.97 2.13
C GLN H 9 -18.00 6.52 1.74
N LEU H 10 -16.78 6.25 1.28
CA LEU H 10 -16.16 4.92 1.12
C LEU H 10 -15.00 4.94 2.11
N GLY H 11 -14.99 4.09 3.14
CA GLY H 11 -14.13 4.25 4.32
C GLY H 11 -14.29 5.65 4.91
N ASP H 12 -13.17 6.28 5.25
CA ASP H 12 -13.10 7.63 5.85
C ASP H 12 -12.79 8.65 4.74
N GLN H 13 -13.17 8.33 3.49
CA GLN H 13 -12.84 9.11 2.27
C GLN H 13 -14.14 9.49 1.54
N CYS H 14 -14.22 10.75 1.08
CA CYS H 14 -15.36 11.29 0.29
C CYS H 14 -15.10 11.05 -1.19
N CYS H 15 -15.98 10.31 -1.85
CA CYS H 15 -15.77 9.77 -3.22
C CYS H 15 -16.98 10.02 -4.11
N PRO H 16 -16.77 10.15 -5.44
CA PRO H 16 -17.85 10.11 -6.41
C PRO H 16 -18.66 8.82 -6.28
N PRO H 17 -20.00 8.86 -6.41
CA PRO H 17 -20.79 7.64 -6.36
C PRO H 17 -20.68 6.84 -7.66
N CYS H 18 -21.22 5.62 -7.67
CA CYS H 18 -21.41 4.79 -8.88
C CYS H 18 -22.81 5.03 -9.47
N LYS H 19 -22.96 4.81 -10.77
CA LYS H 19 -24.28 4.85 -11.46
C LYS H 19 -25.11 3.63 -11.03
N GLN H 20 -26.41 3.66 -11.31
CA GLN H 20 -27.45 2.80 -10.67
C GLN H 20 -27.08 1.31 -10.67
N GLY H 21 -26.71 0.76 -11.82
CA GLY H 21 -26.51 -0.70 -11.98
C GLY H 21 -25.14 -1.19 -11.56
N TYR H 22 -24.39 -0.39 -10.79
CA TYR H 22 -22.95 -0.60 -10.53
C TYR H 22 -22.68 -0.63 -9.02
N ARG H 23 -21.69 -1.44 -8.60
CA ARG H 23 -21.15 -1.50 -7.23
C ARG H 23 -19.70 -0.98 -7.26
N VAL H 24 -19.21 -0.45 -6.13
CA VAL H 24 -17.81 0.04 -5.95
C VAL H 24 -16.88 -1.17 -5.95
N THR H 25 -15.97 -1.23 -6.92
CA THR H 25 -14.93 -2.28 -7.12
C THR H 25 -13.56 -1.75 -6.69
N GLY H 26 -13.41 -0.42 -6.61
CA GLY H 26 -12.18 0.25 -6.15
C GLY H 26 -12.52 1.59 -5.50
N GLN H 27 -11.99 1.83 -4.29
CA GLN H 27 -12.24 3.07 -3.51
C GLN H 27 -11.46 4.21 -4.16
N CYS H 28 -11.98 5.43 -4.13
CA CYS H 28 -11.27 6.65 -4.60
C CYS H 28 -10.22 7.03 -3.55
N THR H 29 -9.27 7.89 -3.92
CA THR H 29 -8.38 8.63 -2.99
C THR H 29 -8.64 10.12 -3.20
N GLN H 30 -7.91 10.98 -2.51
CA GLN H 30 -8.04 12.46 -2.65
C GLN H 30 -7.74 12.87 -4.10
N TYR H 31 -6.90 12.10 -4.80
CA TYR H 31 -6.32 12.46 -6.11
C TYR H 31 -6.88 11.57 -7.24
N THR H 32 -7.61 10.49 -6.92
CA THR H 32 -8.00 9.44 -7.90
C THR H 32 -9.51 9.16 -7.84
N SER H 33 -9.98 8.51 -8.91
CA SER H 33 -11.40 8.15 -9.19
C SER H 33 -11.83 6.93 -8.39
N THR H 34 -13.14 6.75 -8.24
CA THR H 34 -13.77 5.48 -7.77
C THR H 34 -13.94 4.56 -8.97
N THR H 35 -13.73 3.26 -8.80
CA THR H 35 -13.95 2.22 -9.83
C THR H 35 -15.26 1.50 -9.53
N CYS H 36 -16.15 1.42 -10.51
CA CYS H 36 -17.49 0.76 -10.41
C CYS H 36 -17.57 -0.39 -11.41
N THR H 37 -18.25 -1.48 -11.05
CA THR H 37 -18.48 -2.65 -11.93
C THR H 37 -19.99 -2.93 -12.02
N LEU H 38 -20.46 -3.23 -13.23
CA LEU H 38 -21.86 -3.62 -13.56
C LEU H 38 -22.26 -4.86 -12.75
N CYS H 39 -23.28 -4.73 -11.90
CA CYS H 39 -24.03 -5.90 -11.32
C CYS H 39 -24.69 -6.64 -12.47
N PRO H 40 -24.45 -7.96 -12.64
CA PRO H 40 -25.02 -8.71 -13.78
C PRO H 40 -26.54 -8.91 -13.66
N SER H 41 -27.22 -9.15 -14.79
CA SER H 41 -28.70 -9.33 -14.86
C SER H 41 -29.13 -10.44 -13.88
N GLY H 42 -30.20 -10.18 -13.13
CA GLY H 42 -30.73 -11.11 -12.10
C GLY H 42 -30.14 -10.82 -10.72
N THR H 43 -29.38 -9.73 -10.60
CA THR H 43 -28.79 -9.22 -9.34
C THR H 43 -29.14 -7.74 -9.17
N TYR H 44 -29.10 -7.23 -7.94
CA TYR H 44 -29.32 -5.80 -7.61
C TYR H 44 -28.20 -5.32 -6.67
N VAL H 45 -27.85 -4.06 -6.80
CA VAL H 45 -26.85 -3.37 -5.94
C VAL H 45 -27.43 -3.31 -4.53
N SER H 46 -26.82 -4.05 -3.59
CA SER H 46 -27.32 -4.32 -2.22
C SER H 46 -26.78 -3.29 -1.22
N GLY H 47 -25.46 -3.25 -1.04
CA GLY H 47 -24.78 -2.14 -0.34
C GLY H 47 -24.10 -1.24 -1.35
N LEU H 48 -22.99 -0.61 -0.97
CA LEU H 48 -22.09 0.10 -1.92
C LEU H 48 -21.38 -0.93 -2.80
N TYR H 49 -21.09 -2.12 -2.25
CA TYR H 49 -20.01 -3.03 -2.72
C TYR H 49 -20.54 -4.40 -3.18
N GLN H 50 -21.81 -4.76 -2.90
CA GLN H 50 -22.33 -6.14 -3.14
C GLN H 50 -23.43 -6.12 -4.22
N CYS H 51 -23.39 -7.10 -5.13
CA CYS H 51 -24.56 -7.53 -5.97
C CYS H 51 -25.24 -8.73 -5.30
N THR H 52 -26.49 -8.57 -4.85
CA THR H 52 -27.32 -9.64 -4.25
C THR H 52 -28.28 -10.20 -5.30
N GLN H 53 -28.42 -11.53 -5.36
CA GLN H 53 -29.34 -12.25 -6.28
C GLN H 53 -30.79 -11.82 -5.99
N CYS H 54 -31.55 -11.49 -7.04
CA CYS H 54 -32.98 -11.08 -6.98
C CYS H 54 -33.82 -12.28 -6.50
N THR H 55 -34.52 -12.12 -5.37
CA THR H 55 -35.39 -13.16 -4.77
C THR H 55 -36.56 -13.43 -5.72
N GLU H 56 -37.02 -14.68 -5.80
CA GLU H 56 -38.19 -15.10 -6.61
C GLU H 56 -39.41 -15.27 -5.70
N CYS H 57 -40.49 -14.53 -6.00
CA CYS H 57 -41.83 -14.68 -5.36
C CYS H 57 -42.40 -16.06 -5.76
N GLN H 58 -42.63 -16.94 -4.78
CA GLN H 58 -43.04 -18.36 -5.00
C GLN H 58 -44.45 -18.42 -5.60
N ASP H 59 -44.94 -19.63 -5.89
CA ASP H 59 -46.27 -19.90 -6.51
C ASP H 59 -47.41 -19.37 -5.63
N THR H 60 -47.22 -19.37 -4.30
CA THR H 60 -48.21 -18.90 -3.28
C THR H 60 -48.08 -17.38 -3.04
N GLU H 61 -47.65 -16.61 -4.08
CA GLU H 61 -47.34 -15.16 -4.00
C GLU H 61 -47.46 -14.52 -5.40
N VAL H 62 -47.62 -13.21 -5.46
CA VAL H 62 -47.57 -12.38 -6.71
C VAL H 62 -46.49 -11.32 -6.54
N THR H 63 -45.82 -10.93 -7.63
CA THR H 63 -44.80 -9.84 -7.66
C THR H 63 -45.52 -8.48 -7.67
N ILE H 64 -45.34 -7.69 -6.60
CA ILE H 64 -45.90 -6.31 -6.45
C ILE H 64 -45.02 -5.33 -7.24
N ARG H 65 -43.69 -5.45 -7.08
CA ARG H 65 -42.67 -4.66 -7.82
C ARG H 65 -41.57 -5.61 -8.28
N ASN H 66 -41.19 -5.52 -9.57
CA ASN H 66 -40.12 -6.35 -10.19
C ASN H 66 -38.75 -5.90 -9.64
N CYS H 67 -37.75 -6.77 -9.75
CA CYS H 67 -36.34 -6.50 -9.33
C CYS H 67 -35.74 -5.45 -10.27
N THR H 68 -35.34 -4.30 -9.72
CA THR H 68 -34.55 -3.25 -10.43
C THR H 68 -33.07 -3.49 -10.13
N SER H 69 -32.21 -2.65 -10.69
CA SER H 69 -30.74 -2.69 -10.48
C SER H 69 -30.39 -2.19 -9.07
N THR H 70 -31.33 -1.53 -8.37
CA THR H 70 -31.07 -0.92 -7.03
C THR H 70 -31.89 -1.58 -5.92
N GLN H 71 -33.03 -2.19 -6.23
CA GLN H 71 -33.97 -2.72 -5.20
C GLN H 71 -34.40 -4.16 -5.56
N ASN H 72 -34.61 -4.97 -4.52
CA ASN H 72 -35.05 -6.39 -4.59
C ASN H 72 -36.51 -6.44 -5.08
N THR H 73 -36.99 -7.61 -5.50
CA THR H 73 -38.43 -7.86 -5.79
C THR H 73 -39.25 -7.63 -4.52
N VAL H 74 -40.51 -7.22 -4.68
CA VAL H 74 -41.51 -7.13 -3.57
C VAL H 74 -42.58 -8.21 -3.84
N CYS H 75 -42.86 -9.05 -2.85
CA CYS H 75 -43.87 -10.14 -2.91
C CYS H 75 -44.99 -9.89 -1.90
N ALA H 76 -46.20 -10.34 -2.24
CA ALA H 76 -47.38 -10.42 -1.33
C ALA H 76 -48.20 -11.67 -1.70
N SER H 77 -48.93 -12.24 -0.75
CA SER H 77 -49.69 -13.52 -0.89
C SER H 77 -50.91 -13.30 -1.81
N LYS H 78 -51.27 -14.32 -2.59
CA LYS H 78 -52.37 -14.27 -3.59
C LYS H 78 -53.70 -14.62 -2.91
#